data_2J7G
#
_entry.id   2J7G
#
_cell.length_a   94.389
_cell.length_b   94.795
_cell.length_c   113.581
_cell.angle_alpha   90.00
_cell.angle_beta   90.00
_cell.angle_gamma   90.00
#
_symmetry.space_group_name_H-M   'P 21 21 21'
#
loop_
_entity.id
_entity.type
_entity.pdbx_description
1 polymer 'BETA-GLUCOSIDASE A'
2 non-polymer 'METHYL ACETIC ACID-SUBSTITUTED GLUCOIMIDAZOLE'
3 non-polymer 'ACETATE ION'
4 non-polymer 'CALCIUM ION'
5 water water
#
_entity_poly.entity_id   1
_entity_poly.type   'polypeptide(L)'
_entity_poly.pdbx_seq_one_letter_code
;MGSSHHHHHHSSGLVPRGSHMASNVKKFPEGFLWGVATASYQIEGSPLADGAGMSIWHTFSHTPGNVKNGDTGDVACDHY
NRWKEDIEIIEKLGVKAYRFSISWPRILPEGTGRVNQKGLDFYNRIIDTLLEKGITPFVTIYHWDLPFALQLKGGWANRE
IADWFAEYSRVLFENFGDRVKNWITLNEPWVVAIVGHLYGVHAPGMRDIYVAFRAVHNLLRAHARAVKVFRETVKDGKIG
IVFNNGYFEPASEKEEDIRAVRFMHQFNNYPLFLNPIYRGDYPELVLEFAREYLPENYKDDMSEIQEKIDFVGLNYYSGH
LVKFDPDAPAKVSFVERDLPKTAMGWEIVPEGIYWILKKVKEEYNPPEVYITENGAAFDDVVSEDGRVHDQNRIDYLKAH
IGQAWKAIQEGVPLKGYFVWSLLDNFEWAEGYSKRFGIVYVDYSTQKRIVKDSGYWYSNVVKNNGLED
;
_entity_poly.pdbx_strand_id   A,B
#
# COMPACT_ATOMS: atom_id res chain seq x y z
N VAL A 25 4.87 -35.17 22.17
CA VAL A 25 3.70 -34.30 22.44
C VAL A 25 4.06 -33.11 23.35
N LYS A 26 3.21 -32.09 23.35
CA LYS A 26 3.39 -30.94 24.23
C LYS A 26 2.10 -30.74 25.00
N LYS A 27 2.02 -31.33 26.19
CA LYS A 27 0.80 -31.28 26.99
C LYS A 27 0.89 -30.15 28.02
N PHE A 28 -0.22 -29.41 28.17
CA PHE A 28 -0.26 -28.28 29.10
C PHE A 28 -0.71 -28.73 30.49
N PRO A 29 -0.54 -27.87 31.53
CA PRO A 29 -0.98 -28.23 32.90
C PRO A 29 -2.46 -28.58 32.99
N GLU A 30 -2.80 -29.41 33.97
CA GLU A 30 -4.21 -29.74 34.21
C GLU A 30 -5.03 -28.46 34.47
N GLY A 31 -6.19 -28.34 33.83
CA GLY A 31 -7.06 -27.18 34.02
C GLY A 31 -6.60 -25.88 33.37
N PHE A 32 -5.57 -25.95 32.52
CA PHE A 32 -5.13 -24.81 31.68
C PHE A 32 -6.33 -24.29 30.87
N LEU A 33 -6.48 -22.97 30.82
CA LEU A 33 -7.67 -22.36 30.25
C LEU A 33 -7.45 -21.96 28.79
N TRP A 34 -7.91 -22.80 27.87
CA TRP A 34 -7.90 -22.49 26.44
C TRP A 34 -9.10 -21.59 26.10
N GLY A 35 -8.81 -20.46 25.47
CA GLY A 35 -9.86 -19.53 25.16
C GLY A 35 -9.84 -18.92 23.77
N VAL A 36 -10.88 -18.13 23.50
CA VAL A 36 -10.93 -17.24 22.33
C VAL A 36 -11.32 -15.85 22.86
N ALA A 37 -10.97 -14.82 22.10
CA ALA A 37 -11.25 -13.43 22.53
C ALA A 37 -11.94 -12.60 21.47
N THR A 38 -12.76 -11.64 21.93
CA THR A 38 -13.42 -10.62 21.08
C THR A 38 -13.48 -9.30 21.84
N ALA A 39 -13.97 -8.25 21.18
CA ALA A 39 -14.28 -6.97 21.86
C ALA A 39 -15.60 -6.44 21.31
N SER A 40 -16.36 -5.77 22.18
CA SER A 40 -17.73 -5.31 21.93
C SER A 40 -17.94 -4.54 20.62
N TYR A 41 -17.16 -3.47 20.40
CA TYR A 41 -17.37 -2.63 19.21
C TYR A 41 -17.00 -3.40 17.94
N GLN A 42 -16.05 -4.32 18.07
CA GLN A 42 -15.59 -5.04 16.88
C GLN A 42 -16.58 -6.07 16.36
N ILE A 43 -17.43 -6.62 17.23
CA ILE A 43 -18.36 -7.70 16.82
C ILE A 43 -19.87 -7.40 16.93
N GLU A 44 -20.25 -6.54 17.89
CA GLU A 44 -21.68 -6.42 18.24
C GLU A 44 -22.61 -5.82 17.17
N GLY A 45 -22.20 -4.71 16.55
CA GLY A 45 -23.15 -3.89 15.78
C GLY A 45 -24.20 -3.29 16.70
N SER A 46 -25.23 -2.68 16.11
CA SER A 46 -26.33 -2.07 16.85
C SER A 46 -25.83 -1.14 18.00
N PRO A 47 -24.92 -0.21 17.68
CA PRO A 47 -24.29 0.57 18.77
C PRO A 47 -25.29 1.44 19.55
N LEU A 48 -26.41 1.79 18.93
CA LEU A 48 -27.39 2.69 19.57
C LEU A 48 -28.68 1.96 19.93
N ALA A 49 -28.64 0.63 19.88
CA ALA A 49 -29.81 -0.17 20.22
C ALA A 49 -30.12 -0.11 21.71
N ASP A 50 -31.41 -0.17 22.04
CA ASP A 50 -31.88 -0.36 23.42
C ASP A 50 -31.35 0.68 24.42
N GLY A 51 -31.35 1.94 24.02
CA GLY A 51 -30.96 3.02 24.95
C GLY A 51 -29.47 3.28 25.13
N ALA A 52 -28.62 2.56 24.39
CA ALA A 52 -27.15 2.79 24.47
C ALA A 52 -26.77 4.21 24.08
N GLY A 53 -25.76 4.79 24.76
CA GLY A 53 -25.19 6.09 24.33
C GLY A 53 -24.16 5.87 23.21
N MET A 54 -23.82 6.92 22.45
CA MET A 54 -22.72 6.81 21.49
C MET A 54 -21.39 6.57 22.21
N SER A 55 -20.50 5.82 21.59
CA SER A 55 -19.12 5.70 22.03
C SER A 55 -18.24 6.61 21.15
N ILE A 56 -17.00 6.84 21.57
CA ILE A 56 -16.00 7.51 20.74
C ILE A 56 -15.65 6.74 19.46
N TRP A 57 -15.88 5.42 19.43
CA TRP A 57 -15.63 4.70 18.15
C TRP A 57 -16.76 4.87 17.15
N HIS A 58 -17.97 5.04 17.66
CA HIS A 58 -19.10 5.42 16.82
C HIS A 58 -18.82 6.76 16.10
N THR A 59 -18.47 7.78 16.88
CA THR A 59 -18.26 9.13 16.32
C THR A 59 -16.99 9.21 15.47
N PHE A 60 -15.91 8.54 15.92
CA PHE A 60 -14.65 8.48 15.14
C PHE A 60 -14.84 7.77 13.77
N SER A 61 -15.51 6.62 13.79
CA SER A 61 -15.73 5.87 12.52
C SER A 61 -16.75 6.56 11.60
N HIS A 62 -17.66 7.34 12.17
CA HIS A 62 -18.60 8.08 11.31
C HIS A 62 -18.03 9.42 10.84
N THR A 63 -16.77 9.68 11.19
CA THR A 63 -16.05 10.84 10.67
C THR A 63 -15.26 10.43 9.41
N PRO A 64 -15.59 11.01 8.23
CA PRO A 64 -14.91 10.63 6.98
C PRO A 64 -13.38 10.71 7.08
N GLY A 65 -12.69 9.73 6.54
CA GLY A 65 -11.23 9.74 6.54
C GLY A 65 -10.55 8.93 7.65
N ASN A 66 -11.28 8.56 8.69
CA ASN A 66 -10.65 7.89 9.83
C ASN A 66 -10.47 6.36 9.70
N VAL A 67 -11.38 5.72 8.95
CA VAL A 67 -11.40 4.27 8.81
C VAL A 67 -11.43 3.90 7.32
N LYS A 68 -10.59 2.93 6.98
CA LYS A 68 -10.49 2.38 5.63
CA LYS A 68 -10.50 2.42 5.62
C LYS A 68 -11.89 2.10 5.08
N ASN A 69 -12.12 2.52 3.81
CA ASN A 69 -13.38 2.27 3.13
C ASN A 69 -14.60 2.91 3.75
N GLY A 70 -14.40 3.75 4.75
CA GLY A 70 -15.54 4.37 5.43
C GLY A 70 -16.31 3.34 6.27
N ASP A 71 -15.64 2.25 6.63
CA ASP A 71 -16.29 1.19 7.42
C ASP A 71 -16.60 1.67 8.84
N THR A 72 -17.68 1.17 9.44
CA THR A 72 -18.02 1.49 10.82
C THR A 72 -18.42 0.22 11.60
N GLY A 73 -18.62 0.36 12.91
CA GLY A 73 -19.14 -0.75 13.72
C GLY A 73 -20.67 -0.82 13.81
N ASP A 74 -21.37 -0.16 12.88
CA ASP A 74 -22.85 -0.16 12.88
C ASP A 74 -23.48 -1.55 12.83
N VAL A 75 -22.89 -2.44 12.02
CA VAL A 75 -23.39 -3.81 11.89
C VAL A 75 -22.35 -4.85 12.38
N ALA A 76 -21.12 -4.72 11.92
CA ALA A 76 -20.03 -5.65 12.31
C ALA A 76 -20.48 -7.10 12.05
N CYS A 77 -20.37 -7.95 13.08
CA CYS A 77 -20.81 -9.37 13.00
C CYS A 77 -22.25 -9.58 13.50
N ASP A 78 -22.98 -8.48 13.73
CA ASP A 78 -24.33 -8.55 14.30
C ASP A 78 -24.42 -9.50 15.53
N HIS A 79 -23.35 -9.54 16.33
CA HIS A 79 -23.36 -10.37 17.53
C HIS A 79 -24.42 -9.89 18.54
N TYR A 80 -24.82 -8.61 18.43
CA TYR A 80 -25.86 -8.11 19.31
C TYR A 80 -27.14 -8.95 19.16
N ASN A 81 -27.39 -9.41 17.93
CA ASN A 81 -28.49 -10.36 17.65
C ASN A 81 -28.12 -11.83 17.61
N ARG A 82 -26.88 -12.14 17.23
CA ARG A 82 -26.46 -13.53 16.98
C ARG A 82 -25.62 -14.16 18.10
N TRP A 83 -25.64 -13.53 19.28
CA TRP A 83 -24.79 -13.94 20.39
C TRP A 83 -24.95 -15.42 20.77
N LYS A 84 -26.20 -15.93 20.76
CA LYS A 84 -26.45 -17.33 21.17
C LYS A 84 -25.76 -18.30 20.20
N GLU A 85 -25.97 -18.11 18.90
CA GLU A 85 -25.28 -18.86 17.85
C GLU A 85 -23.75 -18.86 18.04
N ASP A 86 -23.17 -17.69 18.23
CA ASP A 86 -21.72 -17.55 18.44
C ASP A 86 -21.21 -18.35 19.65
N ILE A 87 -21.94 -18.26 20.76
CA ILE A 87 -21.56 -19.03 21.96
C ILE A 87 -21.69 -20.54 21.69
N GLU A 88 -22.75 -20.94 20.99
CA GLU A 88 -22.92 -22.35 20.54
C GLU A 88 -21.73 -22.83 19.71
N ILE A 89 -21.14 -21.91 18.91
CA ILE A 89 -19.88 -22.21 18.22
C ILE A 89 -18.73 -22.48 19.19
N ILE A 90 -18.56 -21.59 20.19
CA ILE A 90 -17.54 -21.81 21.24
C ILE A 90 -17.71 -23.18 21.91
N GLU A 91 -18.93 -23.50 22.35
CA GLU A 91 -19.30 -24.79 22.95
CA GLU A 91 -19.10 -24.79 23.01
C GLU A 91 -18.91 -25.97 22.05
N LYS A 92 -19.39 -25.89 20.82
CA LYS A 92 -19.20 -26.99 19.85
C LYS A 92 -17.70 -27.24 19.61
N LEU A 93 -16.91 -26.16 19.63
CA LEU A 93 -15.44 -26.27 19.50
CA LEU A 93 -15.45 -26.28 19.50
C LEU A 93 -14.78 -26.75 20.79
N GLY A 94 -15.54 -26.78 21.88
CA GLY A 94 -15.01 -27.24 23.17
C GLY A 94 -14.03 -26.27 23.83
N VAL A 95 -14.06 -25.02 23.38
CA VAL A 95 -13.22 -23.98 23.95
C VAL A 95 -13.70 -23.68 25.39
N LYS A 96 -12.74 -23.57 26.30
CA LYS A 96 -13.08 -23.55 27.72
C LYS A 96 -13.32 -22.19 28.36
N ALA A 97 -12.84 -21.13 27.69
CA ALA A 97 -12.96 -19.77 28.22
C ALA A 97 -13.26 -18.82 27.09
N TYR A 98 -14.01 -17.77 27.40
CA TYR A 98 -14.35 -16.73 26.43
C TYR A 98 -14.04 -15.37 27.03
N ARG A 99 -13.09 -14.67 26.39
CA ARG A 99 -12.76 -13.29 26.75
C ARG A 99 -13.60 -12.37 25.86
N PHE A 100 -14.43 -11.55 26.50
CA PHE A 100 -15.24 -10.58 25.79
C PHE A 100 -15.26 -9.25 26.56
N SER A 101 -15.61 -8.17 25.87
CA SER A 101 -15.66 -6.90 26.57
C SER A 101 -17.06 -6.35 26.65
N ILE A 102 -17.26 -5.49 27.63
CA ILE A 102 -18.52 -4.81 27.86
C ILE A 102 -18.43 -3.36 27.33
N SER A 103 -19.44 -2.96 26.56
CA SER A 103 -19.59 -1.61 26.07
C SER A 103 -20.06 -0.66 27.19
N TRP A 104 -19.15 0.16 27.72
CA TRP A 104 -19.47 1.14 28.77
C TRP A 104 -20.75 1.94 28.46
N PRO A 105 -20.87 2.55 27.26
CA PRO A 105 -22.11 3.34 27.00
C PRO A 105 -23.40 2.53 26.82
N ARG A 106 -23.32 1.19 26.71
CA ARG A 106 -24.57 0.39 26.81
C ARG A 106 -25.03 0.34 28.25
N ILE A 107 -24.08 0.37 29.19
CA ILE A 107 -24.35 0.22 30.61
C ILE A 107 -24.69 1.58 31.21
N LEU A 108 -23.86 2.59 30.93
CA LEU A 108 -24.12 3.95 31.44
C LEU A 108 -24.06 4.87 30.21
N PRO A 109 -25.22 5.17 29.61
CA PRO A 109 -25.26 5.92 28.33
C PRO A 109 -24.59 7.30 28.35
N GLU A 110 -24.59 7.97 29.50
CA GLU A 110 -23.84 9.23 29.71
C GLU A 110 -22.51 9.06 30.40
N GLY A 111 -22.07 7.81 30.57
CA GLY A 111 -20.79 7.49 31.19
C GLY A 111 -20.86 7.33 32.70
N THR A 112 -21.55 8.25 33.36
CA THR A 112 -21.81 8.15 34.82
C THR A 112 -23.28 8.42 35.06
N GLY A 113 -23.77 8.08 36.25
CA GLY A 113 -25.15 8.39 36.60
C GLY A 113 -26.08 7.26 36.19
N ARG A 114 -26.94 7.51 35.21
CA ARG A 114 -27.99 6.56 34.84
C ARG A 114 -27.44 5.21 34.38
N VAL A 115 -28.02 4.14 34.92
CA VAL A 115 -27.73 2.78 34.46
C VAL A 115 -28.87 2.24 33.59
N ASN A 116 -28.48 1.65 32.45
CA ASN A 116 -29.38 1.10 31.43
C ASN A 116 -29.61 -0.41 31.60
N GLN A 117 -30.81 -0.77 32.06
CA GLN A 117 -31.08 -2.19 32.38
C GLN A 117 -31.03 -3.09 31.15
N LYS A 118 -31.42 -2.55 29.99
CA LYS A 118 -31.34 -3.33 28.76
C LYS A 118 -29.88 -3.67 28.38
N GLY A 119 -28.95 -2.77 28.70
CA GLY A 119 -27.53 -3.04 28.49
C GLY A 119 -27.04 -4.14 29.40
N LEU A 120 -27.41 -4.06 30.68
CA LEU A 120 -27.09 -5.13 31.63
C LEU A 120 -27.71 -6.48 31.20
N ASP A 121 -28.97 -6.46 30.74
CA ASP A 121 -29.68 -7.68 30.29
C ASP A 121 -28.90 -8.38 29.15
N PHE A 122 -28.43 -7.59 28.17
CA PHE A 122 -27.64 -8.14 27.04
C PHE A 122 -26.46 -9.00 27.53
N TYR A 123 -25.62 -8.44 28.41
CA TYR A 123 -24.48 -9.19 28.96
C TYR A 123 -24.90 -10.25 29.98
N ASN A 124 -25.92 -9.97 30.76
CA ASN A 124 -26.47 -11.03 31.65
C ASN A 124 -26.80 -12.35 30.91
N ARG A 125 -27.48 -12.24 29.77
CA ARG A 125 -27.81 -13.42 28.94
C ARG A 125 -26.57 -14.16 28.40
N ILE A 126 -25.56 -13.40 27.99
CA ILE A 126 -24.28 -13.98 27.58
C ILE A 126 -23.58 -14.72 28.74
N ILE A 127 -23.45 -14.07 29.88
CA ILE A 127 -22.83 -14.67 31.07
C ILE A 127 -23.57 -15.96 31.46
N ASP A 128 -24.89 -15.90 31.55
CA ASP A 128 -25.66 -17.08 32.02
C ASP A 128 -25.54 -18.25 31.05
N THR A 129 -25.60 -17.93 29.77
CA THR A 129 -25.42 -18.91 28.70
C THR A 129 -24.05 -19.60 28.79
N LEU A 130 -22.96 -18.82 28.92
CA LEU A 130 -21.61 -19.35 29.05
C LEU A 130 -21.50 -20.34 30.24
N LEU A 131 -21.97 -19.90 31.41
CA LEU A 131 -21.97 -20.71 32.64
C LEU A 131 -22.76 -22.01 32.45
N GLU A 132 -23.98 -21.89 31.92
CA GLU A 132 -24.78 -23.08 31.59
C GLU A 132 -24.01 -24.09 30.72
N LYS A 133 -23.18 -23.59 29.80
CA LYS A 133 -22.42 -24.44 28.87
C LYS A 133 -21.01 -24.80 29.37
N GLY A 134 -20.70 -24.43 30.60
CA GLY A 134 -19.40 -24.72 31.22
C GLY A 134 -18.21 -23.97 30.62
N ILE A 135 -18.45 -22.76 30.09
CA ILE A 135 -17.40 -21.88 29.53
C ILE A 135 -17.10 -20.75 30.53
N THR A 136 -15.82 -20.50 30.79
CA THR A 136 -15.42 -19.51 31.80
C THR A 136 -15.38 -18.09 31.22
N PRO A 137 -16.22 -17.17 31.73
CA PRO A 137 -16.16 -15.82 31.17
C PRO A 137 -14.97 -15.06 31.73
N PHE A 138 -14.24 -14.38 30.84
CA PHE A 138 -13.21 -13.42 31.21
C PHE A 138 -13.68 -12.08 30.68
N VAL A 139 -14.02 -11.16 31.57
CA VAL A 139 -14.60 -9.89 31.13
C VAL A 139 -13.61 -8.74 31.09
N THR A 140 -13.43 -8.16 29.91
CA THR A 140 -12.64 -6.92 29.76
C THR A 140 -13.55 -5.73 29.99
N ILE A 141 -13.24 -4.90 30.97
CA ILE A 141 -14.16 -3.84 31.37
C ILE A 141 -14.09 -2.73 30.31
N TYR A 142 -12.87 -2.49 29.83
CA TYR A 142 -12.64 -1.44 28.83
C TYR A 142 -11.80 -1.90 27.67
N HIS A 143 -12.46 -2.02 26.52
CA HIS A 143 -11.72 -2.31 25.28
C HIS A 143 -12.06 -1.22 24.26
N TRP A 144 -11.90 0.03 24.70
CA TRP A 144 -11.71 1.22 23.80
C TRP A 144 -12.96 2.04 23.44
N ASP A 145 -14.15 1.50 23.71
CA ASP A 145 -15.42 2.20 23.39
C ASP A 145 -15.90 3.12 24.52
N LEU A 146 -15.08 4.14 24.81
CA LEU A 146 -15.42 5.15 25.81
C LEU A 146 -16.76 5.83 25.45
N PRO A 147 -17.65 6.05 26.44
CA PRO A 147 -18.84 6.86 26.17
C PRO A 147 -18.47 8.23 25.59
N PHE A 148 -19.11 8.60 24.49
CA PHE A 148 -18.88 9.92 23.90
C PHE A 148 -19.09 11.09 24.90
N ALA A 149 -20.11 10.95 25.75
CA ALA A 149 -20.41 11.95 26.78
C ALA A 149 -19.19 12.25 27.66
N LEU A 150 -18.38 11.23 27.96
CA LEU A 150 -17.18 11.46 28.77
C LEU A 150 -16.03 12.07 27.97
N GLN A 151 -15.97 11.77 26.67
CA GLN A 151 -14.97 12.40 25.79
C GLN A 151 -15.17 13.92 25.69
N LEU A 152 -16.42 14.36 25.68
CA LEU A 152 -16.77 15.80 25.72
C LEU A 152 -16.22 16.50 26.95
N LYS A 153 -16.00 15.71 28.03
CA LYS A 153 -15.38 16.22 29.26
CA LYS A 153 -15.38 16.21 29.26
C LYS A 153 -13.88 15.91 29.36
N GLY A 154 -13.27 15.58 28.22
CA GLY A 154 -11.83 15.33 28.10
C GLY A 154 -11.41 13.86 28.11
N GLY A 155 -12.36 12.95 28.39
CA GLY A 155 -12.05 11.50 28.36
C GLY A 155 -10.86 11.16 29.26
N TRP A 156 -9.92 10.38 28.72
CA TRP A 156 -8.72 9.91 29.47
C TRP A 156 -7.75 11.04 29.84
N ALA A 157 -7.90 12.19 29.22
CA ALA A 157 -7.11 13.39 29.59
C ALA A 157 -7.53 14.00 30.94
N ASN A 158 -8.76 13.71 31.39
CA ASN A 158 -9.32 14.33 32.62
C ASN A 158 -9.04 13.45 33.84
N ARG A 159 -8.37 13.99 34.88
CA ARG A 159 -8.14 13.21 36.12
C ARG A 159 -9.39 12.61 36.70
N GLU A 160 -10.53 13.25 36.49
CA GLU A 160 -11.80 12.76 37.03
CA GLU A 160 -11.83 12.78 36.99
C GLU A 160 -12.25 11.40 36.44
N ILE A 161 -11.64 10.98 35.33
CA ILE A 161 -11.97 9.66 34.80
C ILE A 161 -11.64 8.49 35.77
N ALA A 162 -10.69 8.68 36.69
CA ALA A 162 -10.46 7.64 37.73
C ALA A 162 -11.76 7.38 38.52
N ASP A 163 -12.48 8.47 38.85
CA ASP A 163 -13.81 8.38 39.50
C ASP A 163 -14.84 7.75 38.57
N TRP A 164 -14.91 8.24 37.32
CA TRP A 164 -15.95 7.77 36.38
C TRP A 164 -15.76 6.26 36.11
N PHE A 165 -14.49 5.86 35.95
CA PHE A 165 -14.16 4.45 35.65
C PHE A 165 -14.46 3.57 36.86
N ALA A 166 -14.17 4.09 38.06
CA ALA A 166 -14.47 3.35 39.30
C ALA A 166 -15.96 3.11 39.50
N GLU A 167 -16.77 4.13 39.18
CA GLU A 167 -18.25 4.05 39.28
C GLU A 167 -18.82 3.01 38.27
N TYR A 168 -18.29 3.03 37.06
CA TYR A 168 -18.62 2.08 35.99
C TYR A 168 -18.27 0.64 36.42
N SER A 169 -17.03 0.44 36.82
CA SER A 169 -16.56 -0.86 37.29
C SER A 169 -17.42 -1.38 38.47
N ARG A 170 -17.74 -0.51 39.42
CA ARG A 170 -18.59 -0.88 40.55
CA ARG A 170 -18.60 -0.86 40.57
C ARG A 170 -19.95 -1.43 40.13
N VAL A 171 -20.57 -0.77 39.14
CA VAL A 171 -21.82 -1.27 38.57
C VAL A 171 -21.66 -2.70 37.99
N LEU A 172 -20.60 -2.93 37.22
CA LEU A 172 -20.37 -4.26 36.67
C LEU A 172 -20.16 -5.31 37.76
N PHE A 173 -19.37 -4.96 38.77
CA PHE A 173 -19.09 -5.86 39.88
C PHE A 173 -20.37 -6.21 40.65
N GLU A 174 -21.20 -5.21 40.93
CA GLU A 174 -22.46 -5.41 41.66
CA GLU A 174 -22.44 -5.44 41.67
C GLU A 174 -23.43 -6.27 40.86
N ASN A 175 -23.46 -6.06 39.55
CA ASN A 175 -24.41 -6.80 38.71
C ASN A 175 -23.97 -8.20 38.28
N PHE A 176 -22.67 -8.39 38.07
CA PHE A 176 -22.14 -9.62 37.47
C PHE A 176 -21.14 -10.39 38.33
N GLY A 177 -20.64 -9.78 39.41
CA GLY A 177 -19.55 -10.35 40.22
C GLY A 177 -19.95 -11.63 40.96
N ASP A 178 -21.24 -11.91 41.05
CA ASP A 178 -21.75 -13.14 41.63
C ASP A 178 -21.45 -14.34 40.70
N ARG A 179 -21.34 -14.07 39.39
CA ARG A 179 -21.13 -15.10 38.37
C ARG A 179 -19.79 -15.00 37.65
N VAL A 180 -19.40 -13.79 37.24
CA VAL A 180 -18.09 -13.59 36.62
C VAL A 180 -17.01 -13.41 37.68
N LYS A 181 -15.95 -14.20 37.58
CA LYS A 181 -14.91 -14.25 38.61
C LYS A 181 -13.52 -13.88 38.09
N ASN A 182 -13.44 -13.55 36.81
CA ASN A 182 -12.18 -13.24 36.18
C ASN A 182 -12.39 -11.91 35.41
N TRP A 183 -11.69 -10.86 35.84
CA TRP A 183 -11.92 -9.50 35.30
C TRP A 183 -10.62 -8.88 34.79
N ILE A 184 -10.73 -8.04 33.75
CA ILE A 184 -9.60 -7.29 33.23
C ILE A 184 -10.05 -5.81 33.22
N THR A 185 -9.29 -4.91 33.85
CA THR A 185 -9.65 -3.48 33.90
C THR A 185 -9.56 -2.87 32.47
N LEU A 186 -8.35 -2.91 31.89
CA LEU A 186 -8.05 -2.23 30.64
C LEU A 186 -7.41 -3.14 29.60
N ASN A 187 -7.87 -3.02 28.35
CA ASN A 187 -7.14 -3.60 27.22
C ASN A 187 -6.15 -2.60 26.64
N GLU A 188 -4.85 -2.89 26.77
CA GLU A 188 -3.78 -2.16 26.09
C GLU A 188 -3.80 -0.66 26.34
N PRO A 189 -3.58 -0.25 27.60
CA PRO A 189 -3.63 1.19 27.84
C PRO A 189 -2.57 1.99 27.03
N TRP A 190 -1.43 1.37 26.64
CA TRP A 190 -0.49 2.04 25.73
C TRP A 190 -1.16 2.47 24.43
N VAL A 191 -1.95 1.56 23.83
CA VAL A 191 -2.62 1.83 22.57
C VAL A 191 -3.66 2.96 22.76
N VAL A 192 -4.49 2.81 23.79
CA VAL A 192 -5.51 3.82 24.14
C VAL A 192 -4.85 5.20 24.24
N ALA A 193 -3.78 5.31 25.02
CA ALA A 193 -3.11 6.60 25.19
C ALA A 193 -2.40 7.04 23.92
N ILE A 194 -1.48 6.21 23.42
CA ILE A 194 -0.56 6.67 22.37
C ILE A 194 -1.19 6.65 20.98
N VAL A 195 -1.84 5.55 20.60
CA VAL A 195 -2.47 5.50 19.28
C VAL A 195 -3.70 6.44 19.21
N GLY A 196 -4.42 6.58 20.34
CA GLY A 196 -5.60 7.41 20.40
C GLY A 196 -5.32 8.91 20.53
N HIS A 197 -4.23 9.29 21.19
CA HIS A 197 -4.04 10.69 21.60
C HIS A 197 -2.71 11.32 21.13
N LEU A 198 -1.79 10.49 20.64
CA LEU A 198 -0.55 10.96 20.02
C LEU A 198 -0.52 10.74 18.50
N TYR A 199 -0.75 9.50 18.06
CA TYR A 199 -0.77 9.18 16.62
C TYR A 199 -2.08 9.64 15.99
N GLY A 200 -3.16 9.65 16.77
CA GLY A 200 -4.44 10.09 16.23
C GLY A 200 -5.12 9.13 15.26
N VAL A 201 -4.65 7.88 15.23
CA VAL A 201 -5.09 6.84 14.32
C VAL A 201 -6.32 6.08 14.86
N HIS A 202 -6.45 6.09 16.19
CA HIS A 202 -7.63 5.58 16.90
C HIS A 202 -8.41 6.69 17.59
N ALA A 203 -9.67 6.41 17.89
CA ALA A 203 -10.47 7.30 18.73
C ALA A 203 -9.73 7.63 20.04
N PRO A 204 -9.81 8.91 20.52
CA PRO A 204 -10.59 9.99 19.95
C PRO A 204 -9.89 10.76 18.81
N GLY A 205 -8.79 10.24 18.28
CA GLY A 205 -8.12 10.82 17.11
C GLY A 205 -7.34 12.10 17.33
N MET A 206 -6.63 12.20 18.46
CA MET A 206 -5.86 13.40 18.81
CA MET A 206 -5.85 13.42 18.74
C MET A 206 -4.36 13.22 18.54
N ARG A 207 -3.63 14.34 18.38
CA ARG A 207 -2.17 14.34 18.25
C ARG A 207 -1.58 15.41 19.15
N ASP A 208 -1.44 15.07 20.43
CA ASP A 208 -0.81 15.95 21.40
C ASP A 208 -0.08 15.08 22.43
N ILE A 209 1.25 15.19 22.49
CA ILE A 209 2.07 14.32 23.35
C ILE A 209 1.82 14.53 24.86
N TYR A 210 1.49 15.76 25.27
CA TYR A 210 1.18 16.07 26.66
C TYR A 210 -0.15 15.41 27.06
N VAL A 211 -1.13 15.47 26.16
CA VAL A 211 -2.41 14.78 26.43
C VAL A 211 -2.17 13.26 26.51
N ALA A 212 -1.40 12.71 25.56
CA ALA A 212 -1.13 11.26 25.54
C ALA A 212 -0.50 10.75 26.84
N PHE A 213 0.45 11.50 27.41
CA PHE A 213 1.06 11.05 28.68
C PHE A 213 0.21 11.31 29.88
N ARG A 214 -0.66 12.32 29.83
CA ARG A 214 -1.63 12.40 30.90
CA ARG A 214 -1.70 12.44 30.85
C ARG A 214 -2.68 11.26 30.81
N ALA A 215 -2.98 10.79 29.58
CA ALA A 215 -3.85 9.61 29.44
C ALA A 215 -3.19 8.36 30.04
N VAL A 216 -1.91 8.14 29.72
CA VAL A 216 -1.15 7.04 30.35
C VAL A 216 -1.36 7.04 31.86
N HIS A 217 -1.11 8.19 32.47
CA HIS A 217 -1.16 8.34 33.94
C HIS A 217 -2.57 8.15 34.45
N ASN A 218 -3.56 8.74 33.78
CA ASN A 218 -4.96 8.54 34.24
C ASN A 218 -5.48 7.11 34.04
N LEU A 219 -5.02 6.45 32.99
CA LEU A 219 -5.36 5.03 32.79
C LEU A 219 -4.86 4.16 33.97
N LEU A 220 -3.63 4.39 34.40
CA LEU A 220 -3.11 3.78 35.64
C LEU A 220 -3.95 4.10 36.87
N ARG A 221 -4.29 5.37 37.07
CA ARG A 221 -5.08 5.77 38.25
C ARG A 221 -6.47 5.14 38.23
N ALA A 222 -7.10 5.10 37.05
CA ALA A 222 -8.43 4.53 36.89
C ALA A 222 -8.36 3.00 37.14
N HIS A 223 -7.38 2.35 36.54
CA HIS A 223 -7.18 0.90 36.80
C HIS A 223 -7.08 0.62 38.31
N ALA A 224 -6.23 1.35 39.02
CA ALA A 224 -6.03 1.09 40.45
C ALA A 224 -7.30 1.31 41.28
N ARG A 225 -8.06 2.36 40.94
CA ARG A 225 -9.31 2.66 41.63
CA ARG A 225 -9.34 2.64 41.63
C ARG A 225 -10.37 1.55 41.42
N ALA A 226 -10.45 1.03 40.19
CA ALA A 226 -11.33 -0.09 39.87
C ALA A 226 -10.91 -1.32 40.68
N VAL A 227 -9.62 -1.64 40.72
CA VAL A 227 -9.15 -2.77 41.56
C VAL A 227 -9.56 -2.59 43.04
N LYS A 228 -9.33 -1.39 43.58
CA LYS A 228 -9.74 -1.02 44.96
C LYS A 228 -11.24 -1.26 45.21
N VAL A 229 -12.09 -0.83 44.28
CA VAL A 229 -13.53 -1.10 44.36
C VAL A 229 -13.85 -2.61 44.29
N PHE A 230 -13.17 -3.32 43.41
CA PHE A 230 -13.32 -4.79 43.27
C PHE A 230 -13.15 -5.51 44.64
N ARG A 231 -12.07 -5.18 45.35
CA ARG A 231 -11.81 -5.77 46.70
C ARG A 231 -12.91 -5.53 47.72
N GLU A 232 -13.61 -4.40 47.55
CA GLU A 232 -14.73 -4.00 48.39
C GLU A 232 -16.05 -4.64 47.96
N THR A 233 -16.14 -5.10 46.71
CA THR A 233 -17.43 -5.54 46.16
CA THR A 233 -17.42 -5.52 46.13
C THR A 233 -17.52 -7.02 45.86
N VAL A 234 -16.44 -7.62 45.36
CA VAL A 234 -16.46 -9.02 44.91
C VAL A 234 -15.45 -9.85 45.68
N LYS A 235 -15.86 -10.20 46.91
CA LYS A 235 -15.17 -11.15 47.79
C LYS A 235 -14.41 -12.31 47.12
N ASP A 236 -15.02 -12.93 46.11
CA ASP A 236 -14.35 -13.96 45.31
CA ASP A 236 -14.42 -13.99 45.28
C ASP A 236 -14.03 -13.46 43.89
N GLY A 237 -12.95 -13.94 43.34
CA GLY A 237 -12.67 -13.54 41.98
C GLY A 237 -11.35 -12.83 41.91
N LYS A 238 -10.83 -12.75 40.68
CA LYS A 238 -9.52 -12.21 40.40
C LYS A 238 -9.61 -11.10 39.37
N ILE A 239 -8.75 -10.10 39.54
CA ILE A 239 -8.69 -8.96 38.60
C ILE A 239 -7.25 -8.73 38.12
N GLY A 240 -7.11 -8.35 36.85
CA GLY A 240 -5.83 -8.03 36.26
C GLY A 240 -5.98 -6.97 35.17
N ILE A 241 -5.02 -6.93 34.27
CA ILE A 241 -4.90 -5.88 33.29
C ILE A 241 -4.09 -6.44 32.14
N VAL A 242 -4.38 -5.98 30.93
CA VAL A 242 -3.83 -6.53 29.68
C VAL A 242 -2.93 -5.52 28.97
N PHE A 243 -1.73 -5.94 28.56
CA PHE A 243 -0.78 -5.08 27.80
C PHE A 243 -0.43 -5.65 26.43
N ASN A 244 -0.30 -4.79 25.42
CA ASN A 244 0.28 -5.15 24.10
C ASN A 244 1.79 -5.27 24.25
N ASN A 245 2.38 -6.19 23.48
CA ASN A 245 3.83 -6.39 23.56
C ASN A 245 4.35 -6.79 22.21
N GLY A 246 5.49 -6.24 21.84
CA GLY A 246 6.26 -6.69 20.69
C GLY A 246 7.59 -7.29 21.16
N TYR A 247 8.17 -8.12 20.30
CA TYR A 247 9.52 -8.65 20.55
C TYR A 247 10.51 -7.81 19.75
N PHE A 248 11.22 -6.94 20.44
CA PHE A 248 12.16 -6.05 19.76
C PHE A 248 13.57 -6.66 19.84
N GLU A 249 14.18 -6.77 18.66
CA GLU A 249 15.56 -7.21 18.53
C GLU A 249 16.41 -6.08 17.94
N PRO A 250 17.71 -5.98 18.31
CA PRO A 250 18.55 -4.89 17.80
C PRO A 250 19.10 -5.20 16.41
N ALA A 251 19.17 -4.17 15.57
CA ALA A 251 19.60 -4.32 14.18
C ALA A 251 21.10 -4.63 14.05
N SER A 252 21.84 -4.42 15.13
CA SER A 252 23.30 -4.61 15.15
C SER A 252 23.71 -4.82 16.60
N GLU A 253 25.00 -4.97 16.86
CA GLU A 253 25.45 -5.06 18.24
C GLU A 253 26.01 -3.78 18.87
N LYS A 254 25.83 -2.63 18.20
CA LYS A 254 26.19 -1.37 18.86
C LYS A 254 25.27 -0.98 20.04
N ILE A 258 20.89 -1.55 20.90
CA ILE A 258 20.59 -2.36 22.08
C ILE A 258 19.79 -1.52 23.07
N ARG A 259 20.18 -0.25 23.24
CA ARG A 259 19.47 0.71 24.08
C ARG A 259 18.13 1.13 23.47
N ALA A 260 18.06 1.14 22.14
CA ALA A 260 16.83 1.47 21.44
C ALA A 260 15.81 0.37 21.69
N VAL A 261 16.30 -0.87 21.77
CA VAL A 261 15.48 -2.04 22.11
C VAL A 261 15.01 -1.91 23.55
N ARG A 262 15.92 -1.47 24.42
CA ARG A 262 15.66 -1.23 25.82
CA ARG A 262 15.61 -1.28 25.82
C ARG A 262 14.50 -0.24 25.99
N PHE A 263 14.59 0.88 25.29
CA PHE A 263 13.54 1.90 25.32
C PHE A 263 12.18 1.37 24.76
N MET A 264 12.23 0.65 23.65
CA MET A 264 11.00 0.10 23.06
C MET A 264 10.33 -0.88 24.00
N HIS A 265 11.12 -1.75 24.62
CA HIS A 265 10.56 -2.64 25.65
C HIS A 265 9.89 -1.84 26.78
N GLN A 266 10.60 -0.88 27.35
CA GLN A 266 10.10 -0.15 28.52
C GLN A 266 8.87 0.73 28.20
N PHE A 267 8.79 1.20 26.95
CA PHE A 267 7.75 2.15 26.50
C PHE A 267 6.53 1.47 25.89
N ASN A 268 6.79 0.51 25.00
CA ASN A 268 5.73 -0.14 24.22
CA ASN A 268 5.75 -0.15 24.19
C ASN A 268 5.22 -1.41 24.87
N ASN A 269 6.02 -1.98 25.78
CA ASN A 269 5.62 -3.23 26.44
C ASN A 269 5.13 -3.03 27.88
N TYR A 270 4.76 -4.14 28.56
CA TYR A 270 4.26 -4.09 29.93
C TYR A 270 5.02 -3.18 30.94
N PRO A 271 6.38 -2.97 30.81
CA PRO A 271 7.01 -2.12 31.87
C PRO A 271 6.43 -0.73 32.08
N LEU A 272 5.92 -0.09 31.03
CA LEU A 272 5.35 1.26 31.20
C LEU A 272 4.31 1.34 32.32
N PHE A 273 3.57 0.24 32.47
CA PHE A 273 2.50 0.12 33.46
C PHE A 273 2.89 -0.71 34.67
N LEU A 274 3.67 -1.78 34.42
CA LEU A 274 4.09 -2.67 35.54
C LEU A 274 5.14 -2.09 36.47
N ASN A 275 6.02 -1.25 35.95
CA ASN A 275 6.92 -0.51 36.81
C ASN A 275 6.20 0.40 37.82
N PRO A 276 5.21 1.22 37.39
CA PRO A 276 4.34 1.86 38.40
C PRO A 276 3.65 0.89 39.37
N ILE A 277 3.00 -0.15 38.83
CA ILE A 277 2.21 -1.07 39.66
C ILE A 277 3.05 -1.81 40.72
N TYR A 278 4.19 -2.34 40.30
CA TYR A 278 5.07 -3.15 41.17
C TYR A 278 6.13 -2.34 41.90
N ARG A 279 6.62 -1.28 41.26
CA ARG A 279 7.76 -0.52 41.75
C ARG A 279 7.46 0.94 42.11
N GLY A 280 6.33 1.48 41.65
CA GLY A 280 5.95 2.82 42.08
C GLY A 280 6.56 3.96 41.28
N ASP A 281 7.04 3.68 40.08
CA ASP A 281 7.47 4.77 39.17
C ASP A 281 7.50 4.24 37.77
N TYR A 282 7.54 5.14 36.80
CA TYR A 282 7.71 4.77 35.40
C TYR A 282 9.13 4.22 35.16
N PRO A 283 9.31 3.39 34.10
CA PRO A 283 10.66 2.91 33.75
C PRO A 283 11.64 4.05 33.40
N GLU A 284 12.93 3.82 33.67
CA GLU A 284 13.98 4.83 33.52
C GLU A 284 14.02 5.50 32.15
N LEU A 285 14.01 4.70 31.08
CA LEU A 285 14.07 5.27 29.73
C LEU A 285 12.78 5.99 29.25
N VAL A 286 11.64 5.63 29.84
CA VAL A 286 10.39 6.37 29.62
C VAL A 286 10.52 7.77 30.23
N LEU A 287 11.03 7.85 31.46
CA LEU A 287 11.23 9.15 32.11
C LEU A 287 12.23 10.02 31.35
N GLU A 288 13.32 9.42 30.85
CA GLU A 288 14.26 10.14 29.97
CA GLU A 288 14.26 10.13 29.97
C GLU A 288 13.56 10.76 28.77
N PHE A 289 12.71 10.00 28.09
CA PHE A 289 11.95 10.53 26.95
C PHE A 289 10.80 11.49 27.36
N ALA A 290 10.04 11.14 28.39
CA ALA A 290 8.70 11.71 28.57
C ALA A 290 8.43 12.49 29.85
N ARG A 291 9.47 12.72 30.67
CA ARG A 291 9.23 13.39 31.95
C ARG A 291 8.49 14.70 31.77
N GLU A 292 8.86 15.48 30.75
CA GLU A 292 8.27 16.81 30.60
C GLU A 292 6.77 16.76 30.25
N TYR A 293 6.30 15.59 29.77
CA TYR A 293 4.90 15.42 29.34
C TYR A 293 3.98 14.90 30.43
N LEU A 294 4.58 14.31 31.46
CA LEU A 294 3.82 13.81 32.62
C LEU A 294 3.43 14.96 33.53
N PRO A 295 2.34 14.80 34.30
CA PRO A 295 2.02 15.84 35.27
C PRO A 295 3.21 16.11 36.20
N GLU A 296 3.32 17.34 36.68
CA GLU A 296 4.46 17.75 37.51
C GLU A 296 4.61 16.93 38.79
N ASN A 297 3.48 16.64 39.43
CA ASN A 297 3.51 15.89 40.67
C ASN A 297 2.88 14.48 40.56
N TYR A 298 3.17 13.83 39.43
CA TYR A 298 2.66 12.50 39.10
C TYR A 298 3.01 11.47 40.20
N LYS A 299 4.13 11.65 40.91
CA LYS A 299 4.54 10.66 41.94
C LYS A 299 3.56 10.62 43.11
N ASP A 300 2.84 11.71 43.33
CA ASP A 300 1.82 11.77 44.38
C ASP A 300 0.76 10.67 44.19
N ASP A 301 0.58 10.21 42.96
CA ASP A 301 -0.44 9.18 42.67
C ASP A 301 0.09 7.73 42.74
N MET A 302 1.40 7.58 42.80
CA MET A 302 2.02 6.26 42.70
C MET A 302 1.68 5.25 43.81
N SER A 303 1.53 5.70 45.05
CA SER A 303 1.19 4.77 46.13
C SER A 303 -0.15 4.10 45.85
N GLU A 304 -1.10 4.87 45.34
CA GLU A 304 -2.40 4.34 44.97
C GLU A 304 -2.34 3.41 43.77
N ILE A 305 -1.46 3.72 42.82
CA ILE A 305 -1.32 2.95 41.59
C ILE A 305 -0.79 1.55 41.88
N GLN A 306 -0.16 1.39 43.04
CA GLN A 306 0.40 0.08 43.45
C GLN A 306 -0.62 -0.91 44.01
N GLU A 307 -1.92 -0.60 43.90
CA GLU A 307 -3.01 -1.50 44.28
C GLU A 307 -2.73 -2.94 43.77
N LYS A 308 -2.81 -3.94 44.65
CA LYS A 308 -2.39 -5.32 44.31
C LYS A 308 -3.26 -5.94 43.20
N ILE A 309 -2.64 -6.49 42.17
CA ILE A 309 -3.37 -7.18 41.10
C ILE A 309 -3.19 -8.72 41.16
N ASP A 310 -4.09 -9.47 40.54
CA ASP A 310 -4.09 -10.94 40.68
C ASP A 310 -3.38 -11.65 39.53
N PHE A 311 -3.44 -11.03 38.34
CA PHE A 311 -2.75 -11.58 37.19
C PHE A 311 -2.39 -10.51 36.18
N VAL A 312 -1.48 -10.87 35.26
CA VAL A 312 -1.12 -10.00 34.16
C VAL A 312 -1.52 -10.68 32.86
N GLY A 313 -2.20 -9.94 31.99
CA GLY A 313 -2.53 -10.44 30.67
C GLY A 313 -1.58 -9.85 29.64
N LEU A 314 -0.97 -10.70 28.83
CA LEU A 314 -0.08 -10.22 27.79
C LEU A 314 -0.65 -10.57 26.43
N ASN A 315 -0.73 -9.56 25.57
CA ASN A 315 -1.06 -9.76 24.18
C ASN A 315 0.24 -9.74 23.39
N TYR A 316 0.36 -10.64 22.42
CA TYR A 316 1.57 -10.74 21.61
C TYR A 316 1.24 -11.19 20.18
N TYR A 317 1.76 -10.48 19.17
CA TYR A 317 1.52 -10.81 17.76
C TYR A 317 2.76 -10.82 16.87
N SER A 318 3.69 -9.89 17.14
CA SER A 318 4.77 -9.59 16.19
CA SER A 318 4.75 -9.52 16.19
C SER A 318 6.11 -9.22 16.81
N GLY A 319 7.17 -9.43 16.04
CA GLY A 319 8.52 -9.02 16.44
C GLY A 319 8.98 -7.90 15.52
N HIS A 320 9.96 -7.11 15.98
CA HIS A 320 10.42 -5.94 15.25
C HIS A 320 11.92 -5.76 15.39
N LEU A 321 12.56 -5.44 14.27
CA LEU A 321 13.98 -5.08 14.27
C LEU A 321 14.06 -3.58 14.42
N VAL A 322 14.88 -3.16 15.37
CA VAL A 322 14.90 -1.78 15.82
C VAL A 322 16.34 -1.23 15.80
N LYS A 323 16.46 0.04 15.43
CA LYS A 323 17.74 0.74 15.48
C LYS A 323 17.55 2.13 16.05
N PHE A 324 18.59 2.65 16.69
CA PHE A 324 18.67 4.07 17.01
C PHE A 324 18.61 4.84 15.70
N ASP A 325 17.93 5.98 15.74
CA ASP A 325 17.77 6.82 14.58
C ASP A 325 17.57 8.24 15.08
N PRO A 326 18.55 9.14 14.83
CA PRO A 326 18.62 10.50 15.40
C PRO A 326 17.35 11.38 15.24
N ALA A 330 11.23 9.65 18.75
CA ALA A 330 11.74 8.94 19.94
C ALA A 330 13.10 8.28 19.70
N LYS A 331 13.80 8.74 18.65
CA LYS A 331 15.15 8.26 18.29
C LYS A 331 15.21 6.75 18.00
N VAL A 332 14.09 6.24 17.48
CA VAL A 332 13.97 4.82 17.14
C VAL A 332 13.27 4.68 15.79
N SER A 333 13.79 3.82 14.94
CA SER A 333 13.04 3.46 13.73
C SER A 333 13.04 1.95 13.57
N PHE A 334 12.04 1.45 12.85
CA PHE A 334 11.95 0.03 12.57
C PHE A 334 12.74 -0.31 11.31
N VAL A 335 13.33 -1.50 11.30
CA VAL A 335 14.05 -1.97 10.12
C VAL A 335 13.29 -3.16 9.56
N GLU A 336 12.85 -3.04 8.31
CA GLU A 336 12.14 -4.14 7.63
C GLU A 336 13.02 -5.38 7.45
N ARG A 337 12.50 -6.55 7.82
CA ARG A 337 13.22 -7.81 7.65
C ARG A 337 12.53 -8.67 6.62
N ASP A 338 13.32 -9.54 5.99
CA ASP A 338 12.78 -10.51 5.05
C ASP A 338 12.38 -11.78 5.83
N LEU A 339 11.25 -11.67 6.51
CA LEU A 339 10.65 -12.74 7.30
C LEU A 339 9.21 -12.93 6.81
N PRO A 340 8.63 -14.13 6.99
CA PRO A 340 7.20 -14.25 6.72
C PRO A 340 6.39 -13.17 7.47
N LYS A 341 5.38 -12.62 6.80
CA LYS A 341 4.53 -11.56 7.39
C LYS A 341 3.07 -11.98 7.27
N THR A 342 2.21 -11.38 8.09
CA THR A 342 0.77 -11.58 7.97
C THR A 342 0.21 -10.55 6.98
N ALA A 343 -1.09 -10.59 6.71
CA ALA A 343 -1.77 -9.54 5.92
C ALA A 343 -1.70 -8.11 6.51
N MET A 344 -1.33 -8.00 7.79
CA MET A 344 -1.03 -6.70 8.40
C MET A 344 0.37 -6.19 8.03
N GLY A 345 1.21 -7.08 7.50
CA GLY A 345 2.61 -6.78 7.27
C GLY A 345 3.46 -6.99 8.52
N TRP A 346 2.88 -7.65 9.54
CA TRP A 346 3.58 -7.93 10.79
C TRP A 346 4.47 -9.17 10.63
N GLU A 347 5.74 -9.03 11.00
CA GLU A 347 6.70 -10.16 10.98
C GLU A 347 6.34 -11.25 11.97
N ILE A 348 6.35 -12.50 11.50
CA ILE A 348 5.98 -13.66 12.32
C ILE A 348 7.21 -14.18 13.05
N VAL A 349 7.24 -13.99 14.37
CA VAL A 349 8.43 -14.32 15.14
C VAL A 349 7.98 -15.05 16.39
N PRO A 350 7.73 -16.36 16.27
CA PRO A 350 7.13 -17.13 17.38
C PRO A 350 7.91 -17.12 18.69
N GLU A 351 9.24 -17.05 18.63
CA GLU A 351 10.08 -17.02 19.83
C GLU A 351 9.79 -15.79 20.71
N GLY A 352 9.22 -14.77 20.10
CA GLY A 352 8.81 -13.56 20.83
C GLY A 352 7.85 -13.80 21.96
N ILE A 353 6.90 -14.72 21.78
CA ILE A 353 5.94 -15.04 22.85
C ILE A 353 6.63 -15.75 24.04
N TYR A 354 7.64 -16.58 23.74
CA TYR A 354 8.49 -17.17 24.78
C TYR A 354 9.31 -16.09 25.51
N TRP A 355 9.95 -15.20 24.75
CA TRP A 355 10.72 -14.13 25.35
C TRP A 355 9.91 -13.25 26.31
N ILE A 356 8.74 -12.81 25.89
CA ILE A 356 7.95 -11.89 26.70
C ILE A 356 7.44 -12.54 27.99
N LEU A 357 7.14 -13.83 27.94
CA LEU A 357 6.73 -14.57 29.12
C LEU A 357 7.86 -14.77 30.12
N LYS A 358 9.04 -15.14 29.62
CA LYS A 358 10.25 -15.23 30.44
C LYS A 358 10.56 -13.87 31.08
N LYS A 359 10.57 -12.84 30.24
CA LYS A 359 10.90 -11.48 30.68
C LYS A 359 9.95 -10.92 31.73
N VAL A 360 8.64 -11.15 31.59
CA VAL A 360 7.68 -10.68 32.60
C VAL A 360 7.95 -11.33 33.97
N LYS A 361 8.22 -12.65 33.98
CA LYS A 361 8.58 -13.37 35.21
CA LYS A 361 8.55 -13.33 35.23
C LYS A 361 9.82 -12.75 35.82
N GLU A 362 10.85 -12.57 35.00
CA GLU A 362 12.14 -12.09 35.45
C GLU A 362 12.06 -10.66 36.01
N GLU A 363 11.25 -9.81 35.38
CA GLU A 363 11.17 -8.41 35.77
C GLU A 363 10.21 -8.13 36.91
N TYR A 364 9.01 -8.70 36.89
CA TYR A 364 8.01 -8.38 37.91
C TYR A 364 7.46 -9.59 38.68
N ASN A 365 7.74 -10.79 38.19
CA ASN A 365 7.25 -12.03 38.82
C ASN A 365 5.77 -12.04 39.21
N PRO A 366 4.86 -11.73 38.25
CA PRO A 366 3.45 -11.68 38.64
C PRO A 366 3.01 -13.08 39.02
N PRO A 367 2.07 -13.20 39.95
CA PRO A 367 1.65 -14.52 40.44
C PRO A 367 1.01 -15.43 39.36
N GLU A 368 0.25 -14.83 38.44
CA GLU A 368 -0.35 -15.55 37.32
C GLU A 368 -0.17 -14.71 36.04
N VAL A 369 0.05 -15.37 34.91
CA VAL A 369 0.06 -14.69 33.62
C VAL A 369 -0.95 -15.40 32.70
N TYR A 370 -1.58 -14.65 31.80
CA TYR A 370 -2.36 -15.23 30.70
C TYR A 370 -1.88 -14.60 29.41
N ILE A 371 -1.84 -15.40 28.35
CA ILE A 371 -1.78 -14.84 27.01
C ILE A 371 -3.24 -14.53 26.64
N THR A 372 -3.57 -13.24 26.65
CA THR A 372 -4.95 -12.79 26.44
C THR A 372 -5.34 -12.50 24.99
N GLU A 373 -4.32 -12.45 24.11
CA GLU A 373 -4.53 -12.37 22.66
C GLU A 373 -3.26 -12.89 21.97
N ASN A 374 -3.46 -13.75 20.97
CA ASN A 374 -2.42 -14.15 19.99
C ASN A 374 -3.21 -14.58 18.77
N GLY A 375 -2.80 -14.15 17.59
CA GLY A 375 -3.54 -14.50 16.37
C GLY A 375 -2.94 -13.79 15.17
N ALA A 376 -3.54 -13.95 14.00
CA ALA A 376 -2.96 -13.42 12.76
C ALA A 376 -4.01 -13.14 11.70
N ALA A 377 -3.75 -12.12 10.88
CA ALA A 377 -4.65 -11.82 9.77
C ALA A 377 -4.05 -12.37 8.50
N PHE A 378 -4.85 -13.14 7.77
CA PHE A 378 -4.48 -13.62 6.43
C PHE A 378 -5.61 -13.35 5.44
N ASP A 379 -5.31 -13.39 4.13
CA ASP A 379 -6.32 -13.18 3.11
C ASP A 379 -7.16 -14.44 2.94
N ASP A 380 -8.05 -14.71 3.91
CA ASP A 380 -8.94 -15.87 3.87
C ASP A 380 -9.95 -15.88 2.74
N VAL A 381 -10.08 -17.07 2.14
CA VAL A 381 -11.04 -17.31 1.07
CA VAL A 381 -11.03 -17.32 1.05
C VAL A 381 -11.83 -18.59 1.33
N VAL A 382 -13.12 -18.57 1.00
CA VAL A 382 -13.93 -19.77 1.06
C VAL A 382 -13.73 -20.54 -0.26
N SER A 383 -13.10 -21.70 -0.21
CA SER A 383 -12.88 -22.57 -1.40
C SER A 383 -14.19 -23.13 -1.98
N GLU A 384 -14.13 -23.71 -3.18
CA GLU A 384 -15.32 -24.32 -3.80
CA GLU A 384 -15.33 -24.30 -3.78
C GLU A 384 -15.90 -25.45 -2.93
N ASP A 385 -15.03 -26.07 -2.11
CA ASP A 385 -15.45 -27.13 -1.18
C ASP A 385 -16.20 -26.63 0.09
N GLY A 386 -16.40 -25.32 0.17
CA GLY A 386 -17.13 -24.69 1.29
C GLY A 386 -16.30 -24.45 2.55
N ARG A 387 -15.01 -24.77 2.48
CA ARG A 387 -14.10 -24.67 3.62
CA ARG A 387 -14.09 -24.67 3.63
C ARG A 387 -13.12 -23.50 3.49
N VAL A 388 -12.52 -23.08 4.60
CA VAL A 388 -11.53 -22.02 4.59
C VAL A 388 -10.19 -22.65 5.00
N HIS A 389 -9.33 -22.89 4.02
CA HIS A 389 -8.09 -23.63 4.24
C HIS A 389 -6.93 -22.73 4.70
N ASP A 390 -7.05 -22.19 5.91
CA ASP A 390 -6.03 -21.28 6.42
C ASP A 390 -4.88 -21.98 7.14
N GLN A 391 -4.09 -22.74 6.37
CA GLN A 391 -2.93 -23.45 6.90
C GLN A 391 -1.91 -22.45 7.45
N ASN A 392 -1.82 -21.30 6.80
CA ASN A 392 -0.96 -20.23 7.33
C ASN A 392 -1.30 -19.83 8.77
N ARG A 393 -2.59 -19.76 9.09
CA ARG A 393 -3.00 -19.42 10.45
C ARG A 393 -2.75 -20.58 11.44
N ILE A 394 -2.98 -21.82 10.99
CA ILE A 394 -2.63 -22.99 11.78
C ILE A 394 -1.14 -22.94 12.14
N ASP A 395 -0.29 -22.70 11.13
CA ASP A 395 1.17 -22.70 11.32
C ASP A 395 1.59 -21.64 12.33
N TYR A 396 0.98 -20.46 12.22
CA TYR A 396 1.17 -19.34 13.16
C TYR A 396 0.76 -19.73 14.58
N LEU A 397 -0.48 -20.18 14.78
CA LEU A 397 -0.91 -20.54 16.13
C LEU A 397 -0.06 -21.68 16.73
N LYS A 398 0.18 -22.74 15.94
CA LYS A 398 0.96 -23.89 16.43
C LYS A 398 2.34 -23.47 16.97
N ALA A 399 3.06 -22.67 16.18
CA ALA A 399 4.36 -22.17 16.59
C ALA A 399 4.34 -21.40 17.89
N HIS A 400 3.34 -20.52 18.06
CA HIS A 400 3.28 -19.67 19.24
C HIS A 400 2.84 -20.48 20.46
N ILE A 401 1.88 -21.39 20.27
CA ILE A 401 1.46 -22.29 21.35
C ILE A 401 2.67 -23.13 21.85
N GLY A 402 3.52 -23.57 20.91
CA GLY A 402 4.74 -24.35 21.22
C GLY A 402 5.72 -23.59 22.09
N GLN A 403 5.92 -22.31 21.76
CA GLN A 403 6.78 -21.41 22.54
C GLN A 403 6.17 -21.08 23.92
N ALA A 404 4.86 -20.94 23.99
CA ALA A 404 4.18 -20.76 25.28
C ALA A 404 4.37 -21.99 26.18
N TRP A 405 4.23 -23.19 25.60
CA TRP A 405 4.48 -24.44 26.31
C TRP A 405 5.88 -24.45 26.94
N LYS A 406 6.88 -24.02 26.16
CA LYS A 406 8.26 -23.94 26.60
C LYS A 406 8.43 -23.10 27.85
N ALA A 407 7.86 -21.89 27.80
CA ALA A 407 7.87 -20.96 28.92
C ALA A 407 7.29 -21.61 30.17
N ILE A 408 6.23 -22.39 30.03
CA ILE A 408 5.65 -23.13 31.16
C ILE A 408 6.65 -24.16 31.73
N GLN A 409 7.34 -24.87 30.84
CA GLN A 409 8.30 -25.91 31.29
C GLN A 409 9.40 -25.24 32.12
N GLU A 410 9.73 -24.00 31.78
CA GLU A 410 10.76 -23.22 32.48
C GLU A 410 10.25 -22.33 33.61
N GLY A 411 9.03 -22.58 34.10
CA GLY A 411 8.58 -21.99 35.35
C GLY A 411 7.63 -20.81 35.27
N VAL A 412 7.30 -20.34 34.08
CA VAL A 412 6.37 -19.22 33.97
C VAL A 412 4.95 -19.68 34.34
N PRO A 413 4.29 -18.99 35.28
CA PRO A 413 2.94 -19.37 35.74
C PRO A 413 1.84 -18.93 34.78
N LEU A 414 1.91 -19.44 33.54
CA LEU A 414 0.93 -19.20 32.48
C LEU A 414 -0.30 -20.07 32.71
N LYS A 415 -1.44 -19.45 32.95
CA LYS A 415 -2.65 -20.20 33.33
C LYS A 415 -3.60 -20.42 32.17
N GLY A 416 -3.37 -19.70 31.08
CA GLY A 416 -4.27 -19.78 29.92
C GLY A 416 -3.75 -19.08 28.70
N TYR A 417 -4.45 -19.29 27.59
CA TYR A 417 -4.04 -18.79 26.29
C TYR A 417 -5.30 -18.53 25.48
N PHE A 418 -5.44 -17.29 24.95
CA PHE A 418 -6.65 -16.85 24.20
C PHE A 418 -6.33 -16.50 22.74
N VAL A 419 -7.01 -17.15 21.81
CA VAL A 419 -6.81 -16.83 20.40
C VAL A 419 -7.59 -15.55 20.04
N TRP A 420 -6.92 -14.60 19.39
CA TRP A 420 -7.60 -13.45 18.78
C TRP A 420 -7.75 -13.82 17.32
N SER A 421 -8.98 -14.01 16.83
CA SER A 421 -10.27 -13.82 17.52
C SER A 421 -11.21 -15.01 17.23
N LEU A 422 -12.28 -15.20 17.99
CA LEU A 422 -13.31 -16.16 17.57
C LEU A 422 -13.76 -15.88 16.11
N LEU A 423 -14.03 -14.62 15.82
CA LEU A 423 -14.68 -14.21 14.55
C LEU A 423 -13.85 -13.17 13.80
N ASP A 424 -13.89 -13.21 12.46
CA ASP A 424 -13.48 -12.03 11.66
C ASP A 424 -14.36 -10.87 12.14
N ASN A 425 -13.78 -9.67 12.22
CA ASN A 425 -14.56 -8.57 12.78
C ASN A 425 -14.05 -7.21 12.31
N PHE A 426 -14.58 -6.13 12.90
CA PHE A 426 -14.16 -4.76 12.58
C PHE A 426 -12.78 -4.48 13.18
N GLU A 427 -11.77 -4.41 12.33
CA GLU A 427 -10.39 -4.27 12.77
C GLU A 427 -10.02 -2.79 12.83
N TRP A 428 -10.76 -2.05 13.66
CA TRP A 428 -10.40 -0.65 13.99
C TRP A 428 -10.25 0.16 12.71
N ALA A 429 -9.17 0.93 12.59
CA ALA A 429 -8.92 1.79 11.41
C ALA A 429 -8.76 1.07 10.06
N GLU A 430 -8.53 -0.27 10.08
CA GLU A 430 -8.51 -1.12 8.89
C GLU A 430 -9.91 -1.58 8.45
N GLY A 431 -10.92 -1.30 9.27
CA GLY A 431 -12.28 -1.75 8.98
C GLY A 431 -12.32 -3.27 8.80
N TYR A 432 -13.16 -3.73 7.87
CA TYR A 432 -13.42 -5.16 7.67
C TYR A 432 -12.38 -5.85 6.77
N SER A 433 -11.39 -5.07 6.33
CA SER A 433 -10.39 -5.55 5.38
C SER A 433 -9.41 -6.57 5.96
N LYS A 434 -9.35 -6.70 7.29
CA LYS A 434 -8.45 -7.66 7.93
C LYS A 434 -9.21 -8.68 8.77
N ARG A 435 -9.00 -9.96 8.45
CA ARG A 435 -9.73 -11.08 9.04
C ARG A 435 -8.80 -11.85 10.00
N PHE A 436 -9.12 -11.79 11.29
CA PHE A 436 -8.37 -12.45 12.36
C PHE A 436 -9.08 -13.70 12.94
N GLY A 437 -10.28 -14.02 12.47
CA GLY A 437 -11.04 -15.08 13.10
C GLY A 437 -10.49 -16.49 12.87
N ILE A 438 -10.88 -17.39 13.76
CA ILE A 438 -10.79 -18.82 13.49
C ILE A 438 -12.13 -19.27 12.90
N VAL A 439 -13.08 -18.33 12.87
CA VAL A 439 -14.38 -18.47 12.20
C VAL A 439 -14.51 -17.33 11.19
N TYR A 440 -14.81 -17.70 9.95
CA TYR A 440 -15.04 -16.78 8.86
C TYR A 440 -16.44 -16.19 8.95
N VAL A 441 -16.56 -14.89 8.71
CA VAL A 441 -17.87 -14.28 8.63
C VAL A 441 -18.09 -13.71 7.22
N ASP A 442 -19.13 -14.22 6.56
CA ASP A 442 -19.58 -13.64 5.30
C ASP A 442 -20.50 -12.47 5.65
N TYR A 443 -19.98 -11.26 5.51
CA TYR A 443 -20.71 -10.05 5.94
C TYR A 443 -21.98 -9.82 5.15
N SER A 444 -22.08 -10.35 3.93
CA SER A 444 -23.33 -10.17 3.13
C SER A 444 -24.54 -10.93 3.72
N THR A 445 -24.25 -12.08 4.33
CA THR A 445 -25.30 -12.94 4.90
C THR A 445 -25.21 -13.14 6.41
N GLN A 446 -24.12 -12.70 7.04
CA GLN A 446 -23.78 -13.03 8.44
C GLN A 446 -23.51 -14.53 8.73
N LYS A 447 -23.35 -15.30 7.67
CA LYS A 447 -22.97 -16.72 7.81
C LYS A 447 -21.60 -16.89 8.45
N ARG A 448 -21.53 -17.80 9.42
CA ARG A 448 -20.28 -18.20 10.06
C ARG A 448 -19.83 -19.51 9.43
N ILE A 449 -18.56 -19.54 9.03
CA ILE A 449 -17.92 -20.76 8.51
C ILE A 449 -16.66 -21.06 9.34
N VAL A 450 -16.68 -22.14 10.11
CA VAL A 450 -15.52 -22.46 10.94
C VAL A 450 -14.33 -22.70 10.00
N LYS A 451 -13.23 -21.98 10.21
CA LYS A 451 -12.04 -22.16 9.37
C LYS A 451 -11.28 -23.43 9.80
N ASP A 452 -10.35 -23.87 8.96
CA ASP A 452 -9.48 -25.03 9.32
C ASP A 452 -8.74 -24.78 10.64
N SER A 453 -8.32 -23.53 10.87
CA SER A 453 -7.65 -23.15 12.13
C SER A 453 -8.59 -23.34 13.32
N GLY A 454 -9.88 -23.06 13.16
CA GLY A 454 -10.87 -23.31 14.24
C GLY A 454 -10.97 -24.80 14.57
N TYR A 455 -11.03 -25.62 13.53
CA TYR A 455 -11.10 -27.06 13.73
C TYR A 455 -9.85 -27.58 14.40
N TRP A 456 -8.70 -27.13 13.93
CA TRP A 456 -7.40 -27.49 14.49
C TRP A 456 -7.27 -27.09 15.95
N TYR A 457 -7.73 -25.88 16.28
CA TYR A 457 -7.64 -25.38 17.66
C TYR A 457 -8.51 -26.22 18.58
N SER A 458 -9.69 -26.60 18.12
CA SER A 458 -10.59 -27.40 18.93
CA SER A 458 -10.61 -27.41 18.92
C SER A 458 -9.92 -28.72 19.34
N ASN A 459 -9.12 -29.27 18.44
CA ASN A 459 -8.39 -30.51 18.71
C ASN A 459 -7.30 -30.29 19.74
N VAL A 460 -6.59 -29.17 19.61
CA VAL A 460 -5.62 -28.75 20.65
C VAL A 460 -6.28 -28.68 22.03
N VAL A 461 -7.43 -28.01 22.13
CA VAL A 461 -8.10 -27.84 23.41
C VAL A 461 -8.54 -29.20 23.98
N LYS A 462 -9.18 -30.01 23.15
CA LYS A 462 -9.61 -31.38 23.54
C LYS A 462 -8.43 -32.22 24.06
N ASN A 463 -7.29 -32.12 23.40
CA ASN A 463 -6.07 -32.83 23.80
C ASN A 463 -5.27 -32.14 24.92
N ASN A 464 -5.70 -30.93 25.31
CA ASN A 464 -4.92 -30.08 26.23
C ASN A 464 -3.48 -29.86 25.75
N GLY A 465 -3.29 -29.69 24.44
CA GLY A 465 -1.97 -29.36 23.89
C GLY A 465 -1.71 -29.83 22.47
N LEU A 466 -0.44 -29.82 22.07
CA LEU A 466 0.01 -30.17 20.71
C LEU A 466 0.51 -31.62 20.63
N GLU A 467 0.55 -32.17 19.41
CA GLU A 467 1.07 -33.54 19.22
C GLU A 467 1.93 -33.65 17.98
N VAL B 25 1.19 -0.41 4.27
CA VAL B 25 0.69 0.72 3.42
C VAL B 25 1.83 1.67 2.97
N LYS B 26 1.74 2.10 1.71
CA LYS B 26 2.76 2.94 1.10
C LYS B 26 2.11 4.17 0.48
N LYS B 27 2.16 5.28 1.22
CA LYS B 27 1.56 6.51 0.76
C LYS B 27 2.59 7.37 0.03
N PHE B 28 2.14 8.08 -1.00
CA PHE B 28 3.02 8.92 -1.82
C PHE B 28 3.04 10.36 -1.32
N PRO B 29 4.03 11.17 -1.76
CA PRO B 29 3.97 12.61 -1.52
C PRO B 29 2.61 13.19 -1.85
N GLU B 30 2.24 14.27 -1.15
CA GLU B 30 1.00 14.95 -1.47
C GLU B 30 1.15 15.62 -2.83
N GLY B 31 0.09 15.64 -3.61
CA GLY B 31 0.10 16.21 -4.96
C GLY B 31 0.76 15.31 -6.01
N PHE B 32 1.13 14.09 -5.62
CA PHE B 32 1.61 13.10 -6.58
C PHE B 32 0.59 12.96 -7.71
N LEU B 33 1.07 12.81 -8.94
CA LEU B 33 0.19 12.74 -10.11
C LEU B 33 0.00 11.32 -10.61
N TRP B 34 -1.24 10.81 -10.53
CA TRP B 34 -1.54 9.48 -11.03
C TRP B 34 -2.20 9.59 -12.39
N GLY B 35 -1.63 8.90 -13.37
CA GLY B 35 -2.12 9.05 -14.73
C GLY B 35 -2.27 7.77 -15.49
N VAL B 36 -2.81 7.90 -16.71
CA VAL B 36 -2.81 6.82 -17.71
C VAL B 36 -2.28 7.40 -19.04
N ALA B 37 -1.72 6.54 -19.89
CA ALA B 37 -1.08 7.00 -21.16
C ALA B 37 -1.58 6.27 -22.40
N THR B 38 -1.63 7.00 -23.52
CA THR B 38 -1.93 6.44 -24.84
C THR B 38 -1.01 7.13 -25.89
N ALA B 39 -1.11 6.70 -27.16
CA ALA B 39 -0.47 7.42 -28.29
C ALA B 39 -1.45 7.50 -29.46
N SER B 40 -1.41 8.61 -30.22
CA SER B 40 -2.32 8.87 -31.36
C SER B 40 -2.53 7.69 -32.33
N TYR B 41 -1.46 7.24 -33.00
CA TYR B 41 -1.60 6.12 -33.93
C TYR B 41 -2.09 4.80 -33.28
N GLN B 42 -1.81 4.62 -32.00
CA GLN B 42 -2.16 3.36 -31.37
C GLN B 42 -3.66 3.23 -31.06
N ILE B 43 -4.34 4.36 -30.94
CA ILE B 43 -5.74 4.34 -30.48
C ILE B 43 -6.73 4.99 -31.43
N GLU B 44 -6.27 5.91 -32.26
CA GLU B 44 -7.20 6.81 -32.95
C GLU B 44 -8.05 6.22 -34.10
N GLY B 45 -7.40 5.49 -35.02
CA GLY B 45 -8.03 5.19 -36.32
C GLY B 45 -8.27 6.45 -37.13
N SER B 46 -9.01 6.29 -38.24
CA SER B 46 -9.25 7.42 -39.17
C SER B 46 -7.98 8.26 -39.46
N PRO B 47 -6.88 7.60 -39.88
CA PRO B 47 -5.62 8.33 -40.11
C PRO B 47 -5.70 9.41 -41.20
N LEU B 48 -6.61 9.22 -42.17
CA LEU B 48 -6.74 10.15 -43.29
C LEU B 48 -8.01 11.00 -43.24
N ALA B 49 -8.78 10.88 -42.15
CA ALA B 49 -9.98 11.74 -41.99
C ALA B 49 -9.64 13.21 -41.88
N ASP B 50 -10.55 14.04 -42.40
CA ASP B 50 -10.56 15.50 -42.15
C ASP B 50 -9.25 16.20 -42.54
N GLY B 51 -8.73 15.82 -43.70
CA GLY B 51 -7.60 16.50 -44.30
C GLY B 51 -6.23 16.10 -43.80
N ALA B 52 -6.15 15.05 -42.98
CA ALA B 52 -4.87 14.60 -42.42
C ALA B 52 -3.96 14.00 -43.50
N GLY B 53 -2.67 14.34 -43.42
CA GLY B 53 -1.68 13.70 -44.28
C GLY B 53 -1.33 12.32 -43.75
N MET B 54 -0.83 11.43 -44.63
CA MET B 54 -0.34 10.12 -44.21
C MET B 54 0.83 10.26 -43.25
N SER B 55 0.94 9.32 -42.32
CA SER B 55 2.12 9.20 -41.44
C SER B 55 2.97 8.03 -41.94
N ILE B 56 4.18 7.93 -41.38
CA ILE B 56 5.09 6.82 -41.70
C ILE B 56 4.55 5.50 -41.15
N TRP B 57 3.70 5.55 -40.12
CA TRP B 57 3.10 4.31 -39.64
C TRP B 57 1.95 3.83 -40.51
N HIS B 58 1.26 4.74 -41.17
CA HIS B 58 0.24 4.36 -42.16
C HIS B 58 0.88 3.59 -43.32
N THR B 59 1.91 4.17 -43.93
CA THR B 59 2.61 3.54 -45.05
C THR B 59 3.37 2.29 -44.65
N PHE B 60 4.01 2.31 -43.46
CA PHE B 60 4.73 1.12 -42.93
C PHE B 60 3.79 -0.07 -42.67
N SER B 61 2.67 0.18 -41.98
CA SER B 61 1.75 -0.92 -41.66
C SER B 61 0.97 -1.42 -42.89
N HIS B 62 0.82 -0.58 -43.93
CA HIS B 62 0.18 -0.97 -45.21
C HIS B 62 1.14 -1.63 -46.17
N THR B 63 2.38 -1.81 -45.72
CA THR B 63 3.39 -2.59 -46.45
C THR B 63 3.35 -4.03 -45.92
N PRO B 64 3.03 -4.99 -46.78
CA PRO B 64 2.96 -6.39 -46.37
C PRO B 64 4.24 -6.89 -45.73
N GLY B 65 4.10 -7.65 -44.64
CA GLY B 65 5.24 -8.24 -43.97
C GLY B 65 5.81 -7.47 -42.78
N ASN B 66 5.37 -6.22 -42.61
CA ASN B 66 5.91 -5.38 -41.53
C ASN B 66 5.21 -5.52 -40.17
N VAL B 67 3.93 -5.87 -40.19
CA VAL B 67 3.13 -5.99 -38.96
C VAL B 67 2.40 -7.35 -38.88
N LYS B 68 2.39 -7.94 -37.69
CA LYS B 68 1.73 -9.23 -37.45
C LYS B 68 0.33 -9.22 -38.00
N ASN B 69 -0.07 -10.31 -38.66
CA ASN B 69 -1.43 -10.47 -39.20
C ASN B 69 -1.83 -9.36 -40.17
N GLY B 70 -0.86 -8.61 -40.69
CA GLY B 70 -1.18 -7.44 -41.52
C GLY B 70 -2.06 -6.38 -40.86
N ASP B 71 -2.01 -6.26 -39.54
CA ASP B 71 -2.78 -5.24 -38.83
C ASP B 71 -2.32 -3.83 -39.18
N THR B 72 -3.24 -2.87 -39.16
CA THR B 72 -2.91 -1.47 -39.38
C THR B 72 -3.56 -0.60 -38.32
N GLY B 73 -3.25 0.69 -38.34
CA GLY B 73 -3.96 1.67 -37.49
C GLY B 73 -5.19 2.30 -38.12
N ASP B 74 -5.77 1.64 -39.13
CA ASP B 74 -6.89 2.22 -39.87
C ASP B 74 -8.08 2.47 -38.93
N VAL B 75 -8.30 1.54 -38.00
CA VAL B 75 -9.45 1.64 -37.09
C VAL B 75 -9.00 1.73 -35.65
N ALA B 76 -8.16 0.79 -35.24
CA ALA B 76 -7.60 0.73 -33.90
C ALA B 76 -8.77 0.72 -32.89
N CYS B 77 -8.80 1.69 -31.99
CA CYS B 77 -9.89 1.79 -30.99
C CYS B 77 -10.97 2.79 -31.39
N ASP B 78 -10.85 3.34 -32.59
CA ASP B 78 -11.76 4.38 -33.10
C ASP B 78 -11.91 5.53 -32.06
N HIS B 79 -10.81 5.89 -31.40
CA HIS B 79 -10.77 7.00 -30.45
C HIS B 79 -11.01 8.34 -31.12
N TYR B 80 -10.79 8.40 -32.43
CA TYR B 80 -11.11 9.57 -33.23
C TYR B 80 -12.60 9.90 -33.15
N ASN B 81 -13.43 8.86 -33.06
CA ASN B 81 -14.88 9.07 -32.93
C ASN B 81 -15.38 8.92 -31.48
N ARG B 82 -14.67 8.11 -30.69
CA ARG B 82 -15.15 7.70 -29.36
C ARG B 82 -14.37 8.30 -28.20
N TRP B 83 -13.78 9.46 -28.44
CA TRP B 83 -12.88 10.12 -27.49
C TRP B 83 -13.60 10.52 -26.19
N LYS B 84 -14.87 10.95 -26.29
CA LYS B 84 -15.62 11.39 -25.11
C LYS B 84 -15.88 10.27 -24.09
N GLU B 85 -16.31 9.10 -24.57
CA GLU B 85 -16.47 7.91 -23.72
CA GLU B 85 -16.47 7.91 -23.74
C GLU B 85 -15.18 7.57 -23.00
N ASP B 86 -14.06 7.58 -23.73
CA ASP B 86 -12.78 7.20 -23.13
C ASP B 86 -12.32 8.17 -22.04
N ILE B 87 -12.57 9.45 -22.25
CA ILE B 87 -12.24 10.46 -21.25
C ILE B 87 -13.18 10.32 -20.06
N GLU B 88 -14.44 9.96 -20.34
CA GLU B 88 -15.40 9.67 -19.27
C GLU B 88 -14.96 8.52 -18.38
N ILE B 89 -14.37 7.48 -18.97
CA ILE B 89 -13.77 6.37 -18.20
C ILE B 89 -12.65 6.81 -17.25
N ILE B 90 -11.71 7.60 -17.77
CA ILE B 90 -10.66 8.19 -16.94
C ILE B 90 -11.34 8.89 -15.76
N GLU B 91 -12.27 9.79 -16.07
CA GLU B 91 -13.02 10.54 -15.07
C GLU B 91 -13.69 9.61 -14.05
N LYS B 92 -14.48 8.65 -14.55
CA LYS B 92 -15.17 7.66 -13.70
C LYS B 92 -14.21 6.84 -12.84
N LEU B 93 -12.94 6.78 -13.24
CA LEU B 93 -11.92 6.07 -12.44
C LEU B 93 -11.18 7.02 -11.51
N GLY B 94 -11.42 8.32 -11.67
CA GLY B 94 -10.76 9.34 -10.84
C GLY B 94 -9.27 9.51 -11.09
N VAL B 95 -8.75 8.91 -12.17
CA VAL B 95 -7.35 9.11 -12.57
C VAL B 95 -7.15 10.61 -12.84
N LYS B 96 -6.07 11.19 -12.34
CA LYS B 96 -5.96 12.65 -12.35
C LYS B 96 -5.20 13.26 -13.54
N ALA B 97 -4.44 12.43 -14.24
CA ALA B 97 -3.73 12.93 -15.46
C ALA B 97 -3.85 11.98 -16.64
N TYR B 98 -3.89 12.56 -17.83
CA TYR B 98 -3.91 11.80 -19.09
C TYR B 98 -2.74 12.24 -19.99
N ARG B 99 -1.81 11.31 -20.21
CA ARG B 99 -0.72 11.47 -21.19
C ARG B 99 -1.20 10.95 -22.55
N PHE B 100 -1.29 11.85 -23.54
CA PHE B 100 -1.67 11.46 -24.89
C PHE B 100 -0.75 12.13 -25.90
N SER B 101 -0.70 11.59 -27.11
CA SER B 101 0.14 12.23 -28.15
C SER B 101 -0.69 12.88 -29.24
N ILE B 102 -0.09 13.87 -29.90
CA ILE B 102 -0.72 14.54 -31.02
C ILE B 102 -0.12 14.02 -32.35
N SER B 103 -0.99 13.74 -33.31
CA SER B 103 -0.59 13.30 -34.65
C SER B 103 -0.08 14.48 -35.45
N TRP B 104 1.23 14.54 -35.65
CA TRP B 104 1.84 15.60 -36.46
C TRP B 104 1.10 15.81 -37.81
N PRO B 105 0.90 14.75 -38.62
CA PRO B 105 0.23 14.97 -39.92
C PRO B 105 -1.28 15.32 -39.92
N ARG B 106 -1.93 15.26 -38.75
CA ARG B 106 -3.28 15.83 -38.58
C ARG B 106 -3.19 17.34 -38.51
N ILE B 107 -2.09 17.85 -37.97
CA ILE B 107 -1.92 19.27 -37.75
C ILE B 107 -1.28 19.93 -38.98
N LEU B 108 -0.27 19.25 -39.53
CA LEU B 108 0.46 19.75 -40.69
C LEU B 108 0.56 18.59 -41.68
N PRO B 109 -0.43 18.47 -42.59
CA PRO B 109 -0.48 17.32 -43.48
C PRO B 109 0.78 17.14 -44.35
N GLU B 110 1.44 18.26 -44.70
CA GLU B 110 2.69 18.27 -45.48
CA GLU B 110 2.68 18.24 -45.48
C GLU B 110 3.93 18.33 -44.60
N GLY B 111 3.75 18.17 -43.30
CA GLY B 111 4.85 18.29 -42.33
C GLY B 111 5.19 19.73 -41.92
N THR B 112 5.25 20.63 -42.89
CA THR B 112 5.44 22.05 -42.62
C THR B 112 4.39 22.76 -43.47
N GLY B 113 4.17 24.04 -43.21
CA GLY B 113 3.33 24.88 -44.07
C GLY B 113 1.91 25.02 -43.56
N ARG B 114 0.97 24.52 -44.35
CA ARG B 114 -0.47 24.74 -44.12
C ARG B 114 -0.93 23.98 -42.89
N VAL B 115 -1.56 24.69 -41.95
CA VAL B 115 -2.09 24.07 -40.73
C VAL B 115 -3.52 23.57 -40.97
N ASN B 116 -3.82 22.37 -40.49
CA ASN B 116 -5.12 21.79 -40.73
C ASN B 116 -6.03 22.15 -39.53
N GLN B 117 -6.97 23.07 -39.77
CA GLN B 117 -7.90 23.55 -38.72
C GLN B 117 -8.67 22.40 -38.05
N LYS B 118 -9.07 21.43 -38.85
CA LYS B 118 -9.79 20.29 -38.32
C LYS B 118 -8.97 19.40 -37.39
N GLY B 119 -7.65 19.40 -37.54
CA GLY B 119 -6.77 18.68 -36.63
C GLY B 119 -6.66 19.46 -35.35
N LEU B 120 -6.57 20.78 -35.48
CA LEU B 120 -6.64 21.67 -34.31
C LEU B 120 -7.92 21.45 -33.47
N ASP B 121 -9.06 21.35 -34.16
CA ASP B 121 -10.37 21.10 -33.51
C ASP B 121 -10.37 19.81 -32.71
N PHE B 122 -9.92 18.71 -33.35
CA PHE B 122 -9.96 17.40 -32.71
C PHE B 122 -9.30 17.40 -31.34
N TYR B 123 -8.13 18.03 -31.26
CA TYR B 123 -7.38 18.03 -30.01
C TYR B 123 -7.87 19.09 -29.02
N ASN B 124 -8.31 20.25 -29.52
CA ASN B 124 -8.91 21.25 -28.62
C ASN B 124 -10.12 20.74 -27.84
N ARG B 125 -10.97 19.94 -28.47
CA ARG B 125 -12.11 19.31 -27.79
C ARG B 125 -11.68 18.31 -26.72
N ILE B 126 -10.59 17.57 -26.99
CA ILE B 126 -10.03 16.65 -25.99
C ILE B 126 -9.44 17.41 -24.81
N ILE B 127 -8.67 18.46 -25.11
CA ILE B 127 -8.09 19.36 -24.11
C ILE B 127 -9.21 20.03 -23.26
N ASP B 128 -10.20 20.63 -23.91
CA ASP B 128 -11.29 21.27 -23.16
C ASP B 128 -12.02 20.31 -22.22
N THR B 129 -12.32 19.10 -22.71
CA THR B 129 -13.02 18.10 -21.93
C THR B 129 -12.21 17.70 -20.70
N LEU B 130 -10.94 17.36 -20.90
CA LEU B 130 -10.08 16.98 -19.79
C LEU B 130 -10.04 18.05 -18.69
N LEU B 131 -9.93 19.32 -19.09
CA LEU B 131 -9.85 20.44 -18.14
C LEU B 131 -11.17 20.66 -17.36
N GLU B 132 -12.29 20.48 -18.05
CA GLU B 132 -13.62 20.57 -17.42
C GLU B 132 -13.84 19.44 -16.42
N LYS B 133 -13.26 18.27 -16.70
CA LYS B 133 -13.34 17.16 -15.75
C LYS B 133 -12.23 17.12 -14.71
N GLY B 134 -11.40 18.15 -14.68
CA GLY B 134 -10.27 18.20 -13.74
C GLY B 134 -9.19 17.14 -13.95
N ILE B 135 -8.95 16.75 -15.21
CA ILE B 135 -7.86 15.80 -15.54
C ILE B 135 -6.71 16.62 -16.16
N THR B 136 -5.49 16.44 -15.66
CA THR B 136 -4.34 17.20 -16.16
C THR B 136 -3.80 16.56 -17.45
N PRO B 137 -3.82 17.33 -18.56
CA PRO B 137 -3.19 16.84 -19.81
C PRO B 137 -1.64 16.86 -19.79
N PHE B 138 -1.03 15.72 -20.11
CA PHE B 138 0.39 15.63 -20.48
C PHE B 138 0.50 15.35 -21.98
N VAL B 139 0.96 16.31 -22.77
CA VAL B 139 1.00 16.07 -24.23
C VAL B 139 2.38 15.64 -24.73
N THR B 140 2.41 14.51 -25.43
CA THR B 140 3.60 14.05 -26.16
C THR B 140 3.51 14.62 -27.57
N ILE B 141 4.44 15.50 -27.90
CA ILE B 141 4.44 16.18 -29.20
C ILE B 141 4.68 15.13 -30.30
N TYR B 142 5.59 14.21 -30.02
CA TYR B 142 5.99 13.22 -31.02
C TYR B 142 6.02 11.82 -30.45
N HIS B 143 5.05 11.02 -30.88
CA HIS B 143 5.03 9.60 -30.50
C HIS B 143 5.02 8.71 -31.76
N TRP B 144 5.91 9.06 -32.71
CA TRP B 144 6.39 8.12 -33.76
C TRP B 144 5.71 8.22 -35.12
N ASP B 145 4.63 9.00 -35.20
CA ASP B 145 3.85 9.13 -36.44
C ASP B 145 4.27 10.33 -37.28
N LEU B 146 5.52 10.27 -37.75
CA LEU B 146 6.10 11.33 -38.59
C LEU B 146 5.24 11.50 -39.82
N PRO B 147 5.00 12.75 -40.24
CA PRO B 147 4.35 12.93 -41.55
C PRO B 147 5.15 12.22 -42.67
N PHE B 148 4.44 11.50 -43.53
CA PHE B 148 5.05 10.82 -44.69
C PHE B 148 5.82 11.80 -45.60
N ALA B 149 5.26 13.00 -45.81
CA ALA B 149 5.88 14.07 -46.61
C ALA B 149 7.31 14.37 -46.14
N LEU B 150 7.54 14.31 -44.82
CA LEU B 150 8.86 14.58 -44.28
C LEU B 150 9.81 13.38 -44.40
N GLN B 151 9.28 12.16 -44.31
CA GLN B 151 10.06 10.95 -44.61
C GLN B 151 10.62 10.95 -46.05
N LEU B 152 9.83 11.44 -47.00
CA LEU B 152 10.28 11.59 -48.40
C LEU B 152 11.51 12.48 -48.49
N LYS B 153 11.64 13.41 -47.54
CA LYS B 153 12.81 14.29 -47.43
CA LYS B 153 12.82 14.29 -47.44
C LYS B 153 13.86 13.78 -46.43
N GLY B 154 13.78 12.51 -46.07
CA GLY B 154 14.82 11.87 -45.23
C GLY B 154 14.45 11.77 -43.77
N GLY B 155 13.33 12.41 -43.38
CA GLY B 155 12.85 12.28 -41.98
C GLY B 155 13.93 12.60 -40.96
N TRP B 156 14.10 11.73 -39.95
CA TRP B 156 15.05 12.00 -38.85
C TRP B 156 16.50 11.96 -39.29
N ALA B 157 16.73 11.45 -40.49
CA ALA B 157 18.09 11.45 -41.06
C ALA B 157 18.52 12.86 -41.49
N ASN B 158 17.55 13.75 -41.74
CA ASN B 158 17.85 15.05 -42.33
C ASN B 158 18.02 16.12 -41.26
N ARG B 159 19.17 16.80 -41.23
CA ARG B 159 19.41 17.87 -40.24
C ARG B 159 18.31 18.92 -40.19
N GLU B 160 17.65 19.13 -41.32
CA GLU B 160 16.54 20.06 -41.40
C GLU B 160 15.35 19.72 -40.53
N ILE B 161 15.24 18.49 -40.05
CA ILE B 161 14.10 18.14 -39.19
C ILE B 161 14.13 18.96 -37.90
N ALA B 162 15.28 19.47 -37.49
CA ALA B 162 15.28 20.37 -36.32
C ALA B 162 14.41 21.60 -36.58
N ASP B 163 14.47 22.15 -37.80
CA ASP B 163 13.55 23.24 -38.24
C ASP B 163 12.10 22.83 -38.32
N TRP B 164 11.86 21.71 -38.99
CA TRP B 164 10.48 21.20 -39.16
C TRP B 164 9.84 20.95 -37.80
N PHE B 165 10.60 20.37 -36.89
CA PHE B 165 10.10 20.03 -35.55
C PHE B 165 9.82 21.27 -34.71
N ALA B 166 10.67 22.28 -34.82
CA ALA B 166 10.49 23.56 -34.12
C ALA B 166 9.21 24.27 -34.62
N GLU B 167 8.99 24.25 -35.94
CA GLU B 167 7.80 24.84 -36.55
C GLU B 167 6.51 24.14 -36.08
N TYR B 168 6.53 22.82 -36.11
CA TYR B 168 5.44 22.03 -35.59
C TYR B 168 5.18 22.31 -34.10
N SER B 169 6.24 22.28 -33.29
CA SER B 169 6.14 22.51 -31.85
C SER B 169 5.53 23.89 -31.56
N ARG B 170 5.97 24.90 -32.32
CA ARG B 170 5.42 26.25 -32.24
C ARG B 170 3.90 26.30 -32.47
N VAL B 171 3.40 25.58 -33.49
CA VAL B 171 1.97 25.54 -33.77
C VAL B 171 1.21 24.95 -32.57
N LEU B 172 1.69 23.83 -32.03
CA LEU B 172 1.11 23.22 -30.81
C LEU B 172 1.14 24.17 -29.60
N PHE B 173 2.26 24.87 -29.43
CA PHE B 173 2.41 25.77 -28.28
C PHE B 173 1.48 26.97 -28.41
N GLU B 174 1.41 27.56 -29.60
CA GLU B 174 0.57 28.74 -29.82
C GLU B 174 -0.91 28.41 -29.74
N ASN B 175 -1.28 27.23 -30.21
CA ASN B 175 -2.68 26.82 -30.20
C ASN B 175 -3.18 26.18 -28.93
N PHE B 176 -2.29 25.46 -28.23
CA PHE B 176 -2.71 24.66 -27.08
C PHE B 176 -2.06 25.07 -25.75
N GLY B 177 -1.03 25.92 -25.81
CA GLY B 177 -0.20 26.24 -24.62
C GLY B 177 -0.90 27.05 -23.51
N ASP B 178 -2.00 27.70 -23.88
CA ASP B 178 -2.83 28.46 -22.93
C ASP B 178 -3.52 27.55 -21.92
N ARG B 179 -3.78 26.31 -22.32
CA ARG B 179 -4.41 25.30 -21.46
C ARG B 179 -3.50 24.15 -21.09
N VAL B 180 -2.61 23.74 -22.01
CA VAL B 180 -1.70 22.63 -21.71
C VAL B 180 -0.38 23.18 -21.18
N LYS B 181 0.02 22.74 -19.99
CA LYS B 181 1.20 23.29 -19.30
C LYS B 181 2.26 22.23 -19.02
N ASN B 182 1.97 21.00 -19.42
CA ASN B 182 2.91 19.90 -19.23
C ASN B 182 3.17 19.19 -20.56
N TRP B 183 4.42 19.24 -21.03
CA TRP B 183 4.74 18.88 -22.43
C TRP B 183 5.93 17.92 -22.52
N ILE B 184 5.90 17.01 -23.50
CA ILE B 184 7.00 16.06 -23.71
C ILE B 184 7.38 16.23 -25.19
N THR B 185 8.67 16.44 -25.46
CA THR B 185 9.09 16.66 -26.84
C THR B 185 8.98 15.34 -27.60
N LEU B 186 9.67 14.33 -27.10
CA LEU B 186 9.82 13.08 -27.81
C LEU B 186 9.60 11.87 -26.92
N ASN B 187 8.85 10.90 -27.43
CA ASN B 187 8.78 9.58 -26.82
C ASN B 187 9.87 8.69 -27.35
N GLU B 188 10.81 8.35 -26.47
CA GLU B 188 11.79 7.27 -26.68
C GLU B 188 12.61 7.43 -27.99
N PRO B 189 13.44 8.49 -28.06
CA PRO B 189 14.26 8.67 -29.27
C PRO B 189 15.19 7.50 -29.58
N TRP B 190 15.61 6.73 -28.56
CA TRP B 190 16.39 5.53 -28.83
C TRP B 190 15.64 4.57 -29.74
N VAL B 191 14.34 4.37 -29.47
CA VAL B 191 13.54 3.43 -30.26
C VAL B 191 13.32 4.01 -31.66
N VAL B 192 12.94 5.28 -31.74
CA VAL B 192 12.77 5.98 -33.03
C VAL B 192 13.99 5.79 -33.95
N ALA B 193 15.16 6.06 -33.39
CA ALA B 193 16.42 5.97 -34.13
C ALA B 193 16.81 4.52 -34.42
N ILE B 194 17.00 3.73 -33.37
CA ILE B 194 17.60 2.40 -33.52
C ILE B 194 16.59 1.38 -34.05
N VAL B 195 15.41 1.31 -33.47
CA VAL B 195 14.45 0.31 -33.94
C VAL B 195 13.89 0.70 -35.33
N GLY B 196 13.72 1.99 -35.60
CA GLY B 196 13.18 2.44 -36.89
C GLY B 196 14.18 2.50 -38.02
N HIS B 197 15.48 2.67 -37.69
CA HIS B 197 16.54 2.94 -38.70
C HIS B 197 17.76 1.99 -38.65
N LEU B 198 17.91 1.21 -37.59
CA LEU B 198 18.93 0.15 -37.57
C LEU B 198 18.35 -1.26 -37.67
N TYR B 199 17.35 -1.57 -36.86
CA TYR B 199 16.72 -2.90 -36.88
C TYR B 199 15.68 -3.00 -37.96
N GLY B 200 15.12 -1.87 -38.37
CA GLY B 200 14.08 -1.81 -39.42
C GLY B 200 12.74 -2.43 -39.02
N VAL B 201 12.53 -2.61 -37.70
CA VAL B 201 11.31 -3.23 -37.14
C VAL B 201 10.16 -2.24 -36.99
N HIS B 202 10.49 -0.96 -36.84
CA HIS B 202 9.51 0.09 -36.79
C HIS B 202 9.70 1.02 -37.97
N ALA B 203 8.67 1.81 -38.27
CA ALA B 203 8.76 2.80 -39.35
C ALA B 203 9.95 3.74 -39.08
N PRO B 204 10.68 4.17 -40.15
CA PRO B 204 10.44 3.87 -41.58
C PRO B 204 10.99 2.54 -42.11
N GLY B 205 11.48 1.66 -41.24
CA GLY B 205 11.82 0.31 -41.61
C GLY B 205 13.16 0.21 -42.33
N MET B 206 14.13 1.03 -41.89
CA MET B 206 15.45 1.05 -42.48
CA MET B 206 15.47 1.09 -42.47
C MET B 206 16.47 0.25 -41.64
N ARG B 207 17.53 -0.20 -42.29
CA ARG B 207 18.64 -0.90 -41.63
CA ARG B 207 18.63 -0.89 -41.62
C ARG B 207 19.98 -0.31 -42.06
N ASP B 208 20.37 0.80 -41.43
CA ASP B 208 21.63 1.48 -41.75
C ASP B 208 22.14 2.16 -40.49
N ILE B 209 23.31 1.73 -40.00
CA ILE B 209 23.81 2.20 -38.70
C ILE B 209 24.25 3.66 -38.74
N TYR B 210 24.72 4.10 -39.90
CA TYR B 210 25.10 5.49 -40.09
C TYR B 210 23.87 6.40 -40.03
N VAL B 211 22.82 5.98 -40.71
CA VAL B 211 21.53 6.71 -40.63
C VAL B 211 21.01 6.76 -39.19
N ALA B 212 21.04 5.61 -38.52
CA ALA B 212 20.49 5.48 -37.17
C ALA B 212 21.17 6.45 -36.18
N PHE B 213 22.49 6.56 -36.24
CA PHE B 213 23.18 7.51 -35.33
C PHE B 213 23.00 8.97 -35.72
N ARG B 214 22.83 9.25 -37.02
CA ARG B 214 22.42 10.60 -37.40
C ARG B 214 21.02 10.95 -36.92
N ALA B 215 20.13 9.96 -36.92
CA ALA B 215 18.80 10.16 -36.33
C ALA B 215 18.88 10.43 -34.81
N VAL B 216 19.71 9.65 -34.10
CA VAL B 216 19.97 9.95 -32.64
C VAL B 216 20.35 11.40 -32.44
N HIS B 217 21.33 11.83 -33.25
CA HIS B 217 21.81 13.22 -33.19
C HIS B 217 20.76 14.26 -33.58
N ASN B 218 20.00 14.03 -34.64
CA ASN B 218 18.96 14.99 -35.06
C ASN B 218 17.75 15.01 -34.10
N LEU B 219 17.49 13.90 -33.44
CA LEU B 219 16.44 13.85 -32.40
C LEU B 219 16.80 14.83 -31.28
N LEU B 220 18.03 14.74 -30.79
CA LEU B 220 18.53 15.69 -29.78
C LEU B 220 18.46 17.14 -30.25
N ARG B 221 18.91 17.39 -31.46
CA ARG B 221 18.82 18.75 -32.02
C ARG B 221 17.39 19.30 -32.13
N ALA B 222 16.45 18.46 -32.57
CA ALA B 222 15.04 18.87 -32.72
C ALA B 222 14.40 19.11 -31.35
N HIS B 223 14.63 18.18 -30.44
CA HIS B 223 14.26 18.36 -29.02
C HIS B 223 14.65 19.73 -28.46
N ALA B 224 15.92 20.09 -28.61
CA ALA B 224 16.44 21.33 -28.05
C ALA B 224 15.82 22.57 -28.69
N ARG B 225 15.61 22.53 -30.01
CA ARG B 225 14.96 23.62 -30.72
C ARG B 225 13.52 23.81 -30.23
N ALA B 226 12.83 22.71 -29.93
CA ALA B 226 11.45 22.77 -29.44
C ALA B 226 11.39 23.38 -28.04
N VAL B 227 12.34 23.01 -27.18
CA VAL B 227 12.40 23.58 -25.82
C VAL B 227 12.65 25.11 -25.91
N LYS B 228 13.58 25.52 -26.77
CA LYS B 228 13.89 26.95 -26.99
C LYS B 228 12.64 27.72 -27.45
N VAL B 229 11.89 27.15 -28.40
CA VAL B 229 10.58 27.71 -28.83
C VAL B 229 9.58 27.75 -27.66
N PHE B 230 9.55 26.68 -26.87
CA PHE B 230 8.67 26.59 -25.72
C PHE B 230 8.88 27.76 -24.74
N ARG B 231 10.14 28.12 -24.49
CA ARG B 231 10.44 29.22 -23.57
C ARG B 231 9.87 30.55 -24.06
N GLU B 232 9.79 30.70 -25.39
CA GLU B 232 9.26 31.89 -26.05
C GLU B 232 7.72 31.94 -26.13
N THR B 233 7.03 30.82 -25.89
CA THR B 233 5.63 30.73 -26.26
C THR B 233 4.69 30.25 -25.15
N VAL B 234 5.22 29.54 -24.16
CA VAL B 234 4.34 29.06 -23.09
C VAL B 234 4.78 29.55 -21.71
N LYS B 235 3.90 30.33 -21.07
CA LYS B 235 4.12 30.84 -19.70
C LYS B 235 3.68 29.79 -18.67
N ASP B 236 4.42 29.70 -17.58
CA ASP B 236 4.08 28.81 -16.49
C ASP B 236 3.83 27.38 -16.97
N GLY B 237 4.61 26.94 -17.96
CA GLY B 237 4.59 25.55 -18.42
C GLY B 237 5.89 24.80 -18.08
N LYS B 238 5.81 23.47 -18.14
CA LYS B 238 6.95 22.59 -17.93
C LYS B 238 7.14 21.73 -19.19
N ILE B 239 8.39 21.54 -19.59
CA ILE B 239 8.70 20.68 -20.75
C ILE B 239 9.84 19.70 -20.45
N GLY B 240 9.68 18.47 -20.95
CA GLY B 240 10.63 17.39 -20.71
C GLY B 240 10.71 16.46 -21.91
N ILE B 241 11.25 15.27 -21.68
CA ILE B 241 11.51 14.33 -22.75
C ILE B 241 11.47 12.96 -22.12
N VAL B 242 11.03 11.98 -22.89
CA VAL B 242 10.84 10.60 -22.41
C VAL B 242 11.80 9.56 -22.98
N PHE B 243 12.40 8.75 -22.09
CA PHE B 243 13.31 7.67 -22.49
C PHE B 243 12.80 6.30 -22.07
N ASN B 244 13.08 5.31 -22.91
CA ASN B 244 12.87 3.90 -22.56
C ASN B 244 14.07 3.46 -21.75
N ASN B 245 13.86 2.50 -20.86
CA ASN B 245 14.93 1.99 -20.02
C ASN B 245 14.71 0.54 -19.65
N GLY B 246 15.80 -0.22 -19.63
CA GLY B 246 15.79 -1.60 -19.15
C GLY B 246 16.71 -1.71 -17.93
N TYR B 247 16.38 -2.63 -17.03
CA TYR B 247 17.28 -2.94 -15.93
C TYR B 247 18.15 -4.11 -16.34
N PHE B 248 19.39 -3.81 -16.73
CA PHE B 248 20.39 -4.80 -17.14
C PHE B 248 21.25 -5.28 -15.97
N GLU B 249 21.37 -6.60 -15.83
CA GLU B 249 22.22 -7.21 -14.81
C GLU B 249 23.22 -8.12 -15.51
N PRO B 250 24.43 -8.30 -14.92
CA PRO B 250 25.42 -9.15 -15.56
C PRO B 250 25.14 -10.63 -15.35
N ALA B 251 25.55 -11.44 -16.33
CA ALA B 251 25.33 -12.88 -16.27
C ALA B 251 26.29 -13.51 -15.26
N SER B 252 27.45 -12.89 -15.06
CA SER B 252 28.45 -13.34 -14.10
C SER B 252 29.21 -12.14 -13.55
N GLU B 253 30.18 -12.42 -12.69
CA GLU B 253 30.97 -11.39 -12.05
C GLU B 253 32.26 -11.11 -12.81
N LYS B 254 32.40 -11.68 -14.00
CA LYS B 254 33.55 -11.36 -14.86
C LYS B 254 33.56 -9.88 -15.25
N GLU B 255 34.77 -9.29 -15.31
CA GLU B 255 34.96 -7.90 -15.70
C GLU B 255 34.19 -7.53 -16.98
N GLU B 256 34.34 -8.37 -18.00
CA GLU B 256 33.75 -8.13 -19.30
C GLU B 256 32.23 -8.05 -19.26
N ASP B 257 31.62 -8.86 -18.39
CA ASP B 257 30.17 -8.91 -18.26
C ASP B 257 29.60 -7.69 -17.56
N ILE B 258 30.31 -7.20 -16.55
CA ILE B 258 29.89 -6.02 -15.80
C ILE B 258 29.99 -4.79 -16.72
N ARG B 259 31.04 -4.76 -17.54
CA ARG B 259 31.26 -3.70 -18.50
CA ARG B 259 31.28 -3.71 -18.52
C ARG B 259 30.23 -3.76 -19.64
N ALA B 260 29.75 -4.97 -19.95
CA ALA B 260 28.68 -5.18 -20.92
C ALA B 260 27.37 -4.57 -20.42
N VAL B 261 27.11 -4.68 -19.12
CA VAL B 261 25.97 -3.99 -18.51
C VAL B 261 26.14 -2.46 -18.63
N ARG B 262 27.34 -1.96 -18.32
CA ARG B 262 27.66 -0.55 -18.38
C ARG B 262 27.39 -0.01 -19.81
N PHE B 263 27.78 -0.78 -20.82
CA PHE B 263 27.56 -0.37 -22.20
C PHE B 263 26.06 -0.32 -22.50
N MET B 264 25.31 -1.35 -22.06
CA MET B 264 23.88 -1.41 -22.30
C MET B 264 23.10 -0.29 -21.63
N HIS B 265 23.46 0.06 -20.38
CA HIS B 265 22.88 1.21 -19.70
C HIS B 265 23.20 2.52 -20.47
N GLN B 266 24.46 2.72 -20.84
CA GLN B 266 24.83 3.98 -21.51
C GLN B 266 24.14 4.13 -22.90
N PHE B 267 23.96 3.02 -23.61
CA PHE B 267 23.40 3.03 -24.98
C PHE B 267 21.87 2.93 -24.99
N ASN B 268 21.33 1.93 -24.30
CA ASN B 268 19.91 1.65 -24.32
C ASN B 268 19.05 2.52 -23.43
N ASN B 269 19.66 3.09 -22.38
CA ASN B 269 18.87 3.82 -21.36
C ASN B 269 19.08 5.34 -21.51
N TYR B 270 18.49 6.13 -20.60
CA TYR B 270 18.59 7.61 -20.62
C TYR B 270 20.01 8.26 -20.83
N PRO B 271 21.14 7.62 -20.43
CA PRO B 271 22.42 8.36 -20.65
C PRO B 271 22.75 8.72 -22.10
N LEU B 272 22.31 7.91 -23.07
CA LEU B 272 22.56 8.27 -24.49
C LEU B 272 22.16 9.72 -24.80
N PHE B 273 21.07 10.16 -24.20
CA PHE B 273 20.51 11.48 -24.43
C PHE B 273 20.76 12.46 -23.30
N LEU B 274 20.78 11.95 -22.07
CA LEU B 274 21.05 12.84 -20.94
C LEU B 274 22.50 13.22 -20.76
N ASN B 275 23.42 12.40 -21.26
CA ASN B 275 24.82 12.84 -21.24
C ASN B 275 25.04 14.07 -22.13
N PRO B 276 24.52 14.04 -23.38
CA PRO B 276 24.47 15.25 -24.21
C PRO B 276 23.76 16.42 -23.55
N ILE B 277 22.52 16.21 -23.06
CA ILE B 277 21.73 17.32 -22.49
C ILE B 277 22.39 17.97 -21.23
N TYR B 278 22.88 17.14 -20.31
CA TYR B 278 23.51 17.63 -19.09
C TYR B 278 25.03 17.84 -19.10
N ARG B 279 25.75 17.12 -19.95
CA ARG B 279 27.22 17.16 -19.93
C ARG B 279 27.86 17.57 -21.27
N GLY B 280 27.08 17.66 -22.34
CA GLY B 280 27.61 18.17 -23.62
C GLY B 280 28.41 17.18 -24.47
N ASP B 281 28.27 15.88 -24.21
CA ASP B 281 28.77 14.81 -25.10
C ASP B 281 28.02 13.49 -24.88
N TYR B 282 28.16 12.53 -25.80
CA TYR B 282 27.59 11.21 -25.68
C TYR B 282 28.43 10.45 -24.63
N PRO B 283 27.81 9.43 -23.99
CA PRO B 283 28.58 8.59 -23.04
C PRO B 283 29.84 7.97 -23.64
N GLU B 284 30.88 7.79 -22.83
CA GLU B 284 32.15 7.32 -23.38
C GLU B 284 32.09 5.94 -24.07
N LEU B 285 31.28 5.01 -23.57
CA LEU B 285 31.24 3.67 -24.17
C LEU B 285 30.40 3.69 -25.46
N VAL B 286 29.47 4.64 -25.53
CA VAL B 286 28.70 4.91 -26.77
C VAL B 286 29.65 5.42 -27.85
N LEU B 287 30.51 6.36 -27.48
CA LEU B 287 31.50 6.90 -28.41
C LEU B 287 32.51 5.86 -28.88
N GLU B 288 32.97 5.00 -27.96
CA GLU B 288 33.90 3.92 -28.33
C GLU B 288 33.29 2.99 -29.42
N PHE B 289 32.01 2.70 -29.26
CA PHE B 289 31.25 1.85 -30.19
C PHE B 289 30.94 2.58 -31.50
N ALA B 290 30.50 3.83 -31.40
CA ALA B 290 29.76 4.48 -32.48
C ALA B 290 30.29 5.83 -33.00
N ARG B 291 31.50 6.24 -32.59
CA ARG B 291 32.02 7.52 -33.09
C ARG B 291 32.07 7.56 -34.63
N GLU B 292 32.44 6.45 -35.27
CA GLU B 292 32.53 6.44 -36.74
CA GLU B 292 32.54 6.41 -36.75
C GLU B 292 31.18 6.65 -37.44
N TYR B 293 30.07 6.42 -36.72
CA TYR B 293 28.72 6.52 -37.27
C TYR B 293 28.05 7.85 -37.04
N LEU B 294 28.55 8.60 -36.06
CA LEU B 294 28.02 9.93 -35.74
C LEU B 294 28.48 10.93 -36.77
N PRO B 295 27.72 12.02 -36.96
CA PRO B 295 28.16 13.02 -37.91
C PRO B 295 29.54 13.59 -37.59
N GLU B 296 30.25 13.90 -38.66
CA GLU B 296 31.40 14.73 -38.61
C GLU B 296 30.97 16.02 -37.93
N ASN B 297 31.79 16.45 -36.98
CA ASN B 297 31.54 17.70 -36.25
C ASN B 297 30.28 17.72 -35.38
N TYR B 298 29.78 16.53 -34.99
CA TYR B 298 28.56 16.45 -34.17
C TYR B 298 28.68 17.32 -32.91
N LYS B 299 29.90 17.46 -32.40
CA LYS B 299 30.07 18.13 -31.10
C LYS B 299 29.80 19.62 -31.19
N ASP B 300 29.87 20.16 -32.41
CA ASP B 300 29.52 21.56 -32.66
C ASP B 300 28.09 21.86 -32.23
N ASP B 301 27.22 20.85 -32.22
CA ASP B 301 25.81 21.05 -31.90
C ASP B 301 25.52 20.90 -30.41
N MET B 302 26.50 20.45 -29.64
CA MET B 302 26.24 20.08 -28.22
C MET B 302 25.87 21.24 -27.30
N SER B 303 26.46 22.41 -27.53
CA SER B 303 26.12 23.54 -26.67
C SER B 303 24.65 23.92 -26.87
N GLU B 304 24.12 23.78 -28.09
CA GLU B 304 22.70 24.00 -28.34
C GLU B 304 21.82 22.88 -27.70
N ILE B 305 22.30 21.65 -27.79
CA ILE B 305 21.56 20.49 -27.25
C ILE B 305 21.33 20.60 -25.71
N GLN B 306 22.22 21.34 -25.03
CA GLN B 306 22.14 21.51 -23.57
C GLN B 306 21.09 22.52 -23.08
N GLU B 307 20.20 22.94 -23.98
CA GLU B 307 19.02 23.72 -23.61
C GLU B 307 18.31 23.14 -22.34
N LYS B 308 18.11 23.97 -21.31
CA LYS B 308 17.59 23.47 -20.03
C LYS B 308 16.18 22.87 -20.10
N ILE B 309 16.00 21.66 -19.53
CA ILE B 309 14.71 21.00 -19.43
C ILE B 309 14.16 21.01 -18.00
N ASP B 310 12.85 20.84 -17.85
CA ASP B 310 12.20 20.92 -16.53
C ASP B 310 12.06 19.56 -15.85
N PHE B 311 11.85 18.50 -16.64
CA PHE B 311 11.71 17.15 -16.11
C PHE B 311 12.22 16.10 -17.08
N VAL B 312 12.48 14.91 -16.53
CA VAL B 312 12.84 13.72 -17.29
C VAL B 312 11.73 12.66 -17.09
N GLY B 313 11.17 12.18 -18.20
CA GLY B 313 10.21 11.07 -18.17
C GLY B 313 10.93 9.76 -18.39
N LEU B 314 10.65 8.76 -17.54
CA LEU B 314 11.22 7.42 -17.72
C LEU B 314 10.11 6.40 -17.96
N ASN B 315 10.27 5.63 -19.02
CA ASN B 315 9.41 4.48 -19.29
C ASN B 315 10.19 3.27 -18.79
N TYR B 316 9.51 2.37 -18.10
CA TYR B 316 10.15 1.16 -17.63
C TYR B 316 9.17 -0.02 -17.65
N TYR B 317 9.68 -1.14 -18.14
CA TYR B 317 8.90 -2.36 -18.28
C TYR B 317 9.64 -3.63 -17.84
N SER B 318 10.90 -3.80 -18.20
CA SER B 318 11.51 -5.10 -17.94
C SER B 318 13.00 -5.10 -17.65
N GLY B 319 13.50 -6.29 -17.31
CA GLY B 319 14.89 -6.50 -16.95
C GLY B 319 15.54 -7.51 -17.89
N HIS B 320 16.87 -7.49 -17.94
CA HIS B 320 17.60 -8.30 -18.90
C HIS B 320 18.90 -8.75 -18.29
N LEU B 321 19.24 -10.00 -18.49
CA LEU B 321 20.53 -10.50 -18.08
C LEU B 321 21.40 -10.45 -19.33
N VAL B 322 22.64 -9.98 -19.17
CA VAL B 322 23.51 -9.76 -20.32
CA VAL B 322 23.51 -9.66 -20.29
C VAL B 322 24.93 -10.20 -20.06
N LYS B 323 25.65 -10.52 -21.14
CA LYS B 323 27.05 -10.93 -21.08
C LYS B 323 27.86 -10.39 -22.26
N PHE B 324 29.17 -10.30 -22.08
CA PHE B 324 30.10 -9.99 -23.16
C PHE B 324 30.13 -11.13 -24.16
N ASP B 325 30.24 -10.77 -25.44
CA ASP B 325 30.19 -11.74 -26.51
C ASP B 325 30.88 -11.14 -27.72
N PRO B 326 32.10 -11.63 -28.03
CA PRO B 326 32.95 -11.10 -29.10
C PRO B 326 32.31 -11.23 -30.48
N ASP B 327 31.34 -12.14 -30.60
CA ASP B 327 30.64 -12.42 -31.85
C ASP B 327 29.49 -11.45 -32.09
N ALA B 328 29.07 -10.73 -31.05
CA ALA B 328 27.91 -9.84 -31.14
C ALA B 328 28.29 -8.48 -31.70
N ALA B 330 27.50 -5.39 -30.92
CA ALA B 330 28.15 -4.45 -30.03
C ALA B 330 28.92 -5.17 -28.89
N LYS B 331 29.26 -6.43 -29.17
CA LYS B 331 29.97 -7.32 -28.22
C LYS B 331 29.15 -7.68 -26.97
N VAL B 332 27.83 -7.65 -27.11
CA VAL B 332 26.92 -7.91 -26.00
C VAL B 332 25.79 -8.85 -26.44
N SER B 333 25.53 -9.89 -25.64
CA SER B 333 24.40 -10.78 -25.86
C SER B 333 23.45 -10.81 -24.66
N PHE B 334 22.16 -10.87 -24.93
CA PHE B 334 21.17 -11.12 -23.89
C PHE B 334 21.21 -12.61 -23.59
N VAL B 335 20.88 -12.97 -22.36
CA VAL B 335 20.73 -14.38 -21.97
C VAL B 335 19.43 -14.57 -21.16
N GLU B 336 18.69 -15.60 -21.53
CA GLU B 336 17.36 -15.82 -20.98
C GLU B 336 17.43 -16.30 -19.53
N ARG B 337 16.39 -15.99 -18.76
CA ARG B 337 16.30 -16.38 -17.35
C ARG B 337 14.95 -17.02 -17.10
N ASP B 338 14.84 -17.73 -15.98
CA ASP B 338 13.59 -18.34 -15.56
C ASP B 338 12.58 -17.21 -15.41
N LEU B 339 12.40 -16.71 -14.19
CA LEU B 339 11.59 -15.52 -13.96
C LEU B 339 10.25 -15.45 -14.72
N PRO B 340 9.18 -15.02 -14.04
CA PRO B 340 7.90 -14.74 -14.67
C PRO B 340 7.99 -13.72 -15.83
N LYS B 341 7.22 -13.96 -16.89
CA LYS B 341 7.24 -13.14 -18.11
C LYS B 341 5.86 -12.68 -18.52
N THR B 342 5.78 -11.60 -19.28
CA THR B 342 4.48 -11.13 -19.78
C THR B 342 4.22 -11.81 -21.13
N ALA B 343 3.07 -11.49 -21.74
CA ALA B 343 2.72 -11.95 -23.09
C ALA B 343 3.74 -11.46 -24.16
N MET B 344 4.54 -10.45 -23.82
CA MET B 344 5.57 -9.96 -24.73
C MET B 344 6.84 -10.79 -24.58
N GLY B 345 6.88 -11.61 -23.53
CA GLY B 345 8.05 -12.42 -23.25
C GLY B 345 9.06 -11.67 -22.39
N TRP B 346 8.67 -10.51 -21.90
CA TRP B 346 9.56 -9.64 -21.12
C TRP B 346 9.54 -10.06 -19.66
N GLU B 347 10.74 -10.20 -19.10
CA GLU B 347 10.94 -10.67 -17.73
C GLU B 347 10.56 -9.58 -16.74
N ILE B 348 9.70 -9.96 -15.80
CA ILE B 348 9.17 -9.06 -14.80
C ILE B 348 10.19 -8.95 -13.66
N VAL B 349 10.80 -7.77 -13.55
CA VAL B 349 11.83 -7.49 -12.56
C VAL B 349 11.55 -6.11 -11.94
N PRO B 350 10.56 -6.04 -11.00
CA PRO B 350 10.06 -4.77 -10.49
C PRO B 350 11.11 -3.90 -9.80
N GLU B 351 12.17 -4.51 -9.25
CA GLU B 351 13.22 -3.74 -8.60
C GLU B 351 14.05 -2.90 -9.60
N GLY B 352 13.89 -3.19 -10.90
CA GLY B 352 14.49 -2.36 -11.97
C GLY B 352 13.97 -0.93 -12.01
N ILE B 353 12.70 -0.73 -11.65
CA ILE B 353 12.14 0.62 -11.59
C ILE B 353 12.75 1.45 -10.45
N TYR B 354 13.08 0.80 -9.33
CA TYR B 354 13.79 1.46 -8.24
C TYR B 354 15.20 1.82 -8.71
N TRP B 355 15.85 0.85 -9.36
CA TRP B 355 17.23 0.98 -9.79
C TRP B 355 17.42 2.16 -10.75
N ILE B 356 16.49 2.27 -11.71
CA ILE B 356 16.59 3.28 -12.75
C ILE B 356 16.34 4.67 -12.19
N LEU B 357 15.46 4.73 -11.19
CA LEU B 357 15.10 6.00 -10.53
C LEU B 357 16.24 6.52 -9.66
N LYS B 358 16.89 5.60 -8.94
CA LYS B 358 18.06 5.93 -8.12
C LYS B 358 19.22 6.33 -9.01
N LYS B 359 19.45 5.50 -10.04
CA LYS B 359 20.50 5.79 -11.03
C LYS B 359 20.37 7.15 -11.71
N VAL B 360 19.15 7.55 -12.10
CA VAL B 360 19.01 8.85 -12.80
C VAL B 360 19.33 10.02 -11.87
N LYS B 361 18.94 9.86 -10.59
CA LYS B 361 19.27 10.88 -9.60
C LYS B 361 20.77 10.94 -9.38
N GLU B 362 21.42 9.79 -9.25
CA GLU B 362 22.88 9.76 -9.05
C GLU B 362 23.70 10.32 -10.21
N GLU B 363 23.30 9.99 -11.44
CA GLU B 363 24.09 10.37 -12.60
C GLU B 363 23.81 11.80 -13.08
N TYR B 364 22.55 12.20 -13.13
CA TYR B 364 22.20 13.51 -13.73
C TYR B 364 21.45 14.46 -12.81
N ASN B 365 20.88 13.92 -11.74
CA ASN B 365 20.17 14.76 -10.76
C ASN B 365 19.14 15.70 -11.40
N PRO B 366 18.20 15.16 -12.21
CA PRO B 366 17.17 16.03 -12.78
C PRO B 366 16.28 16.62 -11.67
N PRO B 367 15.74 17.83 -11.88
CA PRO B 367 14.91 18.46 -10.84
C PRO B 367 13.62 17.71 -10.56
N GLU B 368 13.01 17.14 -11.59
CA GLU B 368 11.80 16.33 -11.47
C GLU B 368 11.94 15.12 -12.36
N VAL B 369 11.40 14.00 -11.89
CA VAL B 369 11.28 12.77 -12.68
C VAL B 369 9.82 12.32 -12.68
N TYR B 370 9.37 11.76 -13.81
CA TYR B 370 8.07 11.08 -13.90
C TYR B 370 8.28 9.68 -14.46
N ILE B 371 7.52 8.71 -13.97
CA ILE B 371 7.38 7.44 -14.69
C ILE B 371 6.30 7.66 -15.73
N THR B 372 6.68 7.76 -17.01
CA THR B 372 5.72 8.14 -18.03
C THR B 372 5.01 6.94 -18.68
N GLU B 373 5.54 5.74 -18.45
CA GLU B 373 4.93 4.48 -18.86
C GLU B 373 5.41 3.33 -17.97
N ASN B 374 4.45 2.53 -17.52
CA ASN B 374 4.76 1.25 -16.88
C ASN B 374 3.52 0.40 -17.07
N GLY B 375 3.69 -0.87 -17.41
CA GLY B 375 2.55 -1.71 -17.77
C GLY B 375 2.91 -3.11 -18.22
N ALA B 376 1.89 -3.91 -18.50
CA ALA B 376 2.13 -5.28 -18.97
C ALA B 376 1.06 -5.80 -19.93
N ALA B 377 1.47 -6.73 -20.78
CA ALA B 377 0.57 -7.41 -21.68
C ALA B 377 0.32 -8.81 -21.14
N PHE B 378 -0.94 -9.20 -21.09
CA PHE B 378 -1.33 -10.56 -20.72
C PHE B 378 -2.49 -10.98 -21.62
N ASP B 379 -2.69 -12.29 -21.74
CA ASP B 379 -3.80 -12.79 -22.56
C ASP B 379 -5.16 -12.61 -21.85
N ASP B 380 -5.64 -11.37 -21.80
CA ASP B 380 -6.92 -11.03 -21.15
C ASP B 380 -8.12 -11.72 -21.80
N VAL B 381 -9.14 -11.98 -20.98
CA VAL B 381 -10.36 -12.69 -21.42
C VAL B 381 -11.62 -12.20 -20.74
N VAL B 382 -12.69 -12.04 -21.51
CA VAL B 382 -13.97 -11.61 -20.93
C VAL B 382 -14.63 -12.84 -20.30
N SER B 383 -14.84 -12.81 -18.99
CA SER B 383 -15.48 -13.93 -18.26
C SER B 383 -16.98 -13.97 -18.54
N GLU B 384 -17.62 -15.10 -18.24
CA GLU B 384 -19.09 -15.22 -18.36
C GLU B 384 -19.79 -14.06 -17.65
N ASP B 385 -19.19 -13.60 -16.55
CA ASP B 385 -19.67 -12.43 -15.81
C ASP B 385 -19.51 -11.09 -16.54
N GLY B 386 -18.92 -11.14 -17.74
CA GLY B 386 -18.70 -9.93 -18.55
C GLY B 386 -17.59 -9.06 -18.01
N ARG B 387 -16.73 -9.65 -17.19
CA ARG B 387 -15.58 -8.96 -16.62
C ARG B 387 -14.28 -9.55 -17.13
N VAL B 388 -13.20 -8.83 -16.87
CA VAL B 388 -11.86 -9.30 -17.20
C VAL B 388 -11.08 -9.29 -15.88
N HIS B 389 -10.70 -10.49 -15.44
CA HIS B 389 -10.07 -10.66 -14.12
C HIS B 389 -8.57 -10.75 -14.24
N ASP B 390 -7.92 -9.60 -14.40
CA ASP B 390 -6.47 -9.54 -14.58
C ASP B 390 -5.68 -9.27 -13.28
N GLN B 391 -5.60 -10.32 -12.46
CA GLN B 391 -4.78 -10.33 -11.24
C GLN B 391 -3.30 -10.24 -11.61
N ASN B 392 -2.96 -10.82 -12.76
CA ASN B 392 -1.56 -10.83 -13.22
C ASN B 392 -1.03 -9.42 -13.45
N ARG B 393 -1.88 -8.56 -13.99
CA ARG B 393 -1.56 -7.16 -14.23
C ARG B 393 -1.54 -6.37 -12.92
N ILE B 394 -2.55 -6.61 -12.07
CA ILE B 394 -2.58 -5.99 -10.75
C ILE B 394 -1.27 -6.28 -10.03
N ASP B 395 -0.85 -7.54 -10.03
CA ASP B 395 0.38 -7.97 -9.38
C ASP B 395 1.63 -7.30 -9.99
N TYR B 396 1.61 -7.12 -11.30
CA TYR B 396 2.67 -6.39 -12.00
C TYR B 396 2.73 -4.94 -11.51
N LEU B 397 1.64 -4.20 -11.69
CA LEU B 397 1.58 -2.79 -11.34
C LEU B 397 1.87 -2.58 -9.87
N LYS B 398 1.31 -3.43 -9.02
CA LYS B 398 1.46 -3.30 -7.57
C LYS B 398 2.94 -3.29 -7.14
N ALA B 399 3.72 -4.23 -7.67
CA ALA B 399 5.12 -4.35 -7.28
C ALA B 399 5.99 -3.19 -7.78
N HIS B 400 5.71 -2.72 -8.99
CA HIS B 400 6.46 -1.57 -9.55
C HIS B 400 6.16 -0.27 -8.81
N ILE B 401 4.87 0.02 -8.62
CA ILE B 401 4.42 1.16 -7.83
C ILE B 401 5.08 1.13 -6.44
N GLY B 402 5.24 -0.09 -5.90
CA GLY B 402 5.88 -0.29 -4.60
C GLY B 402 7.36 0.02 -4.59
N GLN B 403 8.06 -0.42 -5.65
CA GLN B 403 9.47 -0.10 -5.85
C GLN B 403 9.70 1.38 -6.14
N ALA B 404 8.72 2.03 -6.77
CA ALA B 404 8.75 3.46 -7.04
C ALA B 404 8.57 4.27 -5.76
N TRP B 405 7.75 3.74 -4.86
CA TRP B 405 7.55 4.34 -3.55
C TRP B 405 8.87 4.36 -2.79
N LYS B 406 9.59 3.24 -2.83
CA LYS B 406 10.89 3.11 -2.19
C LYS B 406 11.90 4.13 -2.71
N ALA B 407 11.89 4.36 -4.02
CA ALA B 407 12.80 5.33 -4.63
C ALA B 407 12.58 6.74 -4.06
N ILE B 408 11.33 7.14 -3.93
CA ILE B 408 10.98 8.41 -3.33
C ILE B 408 11.56 8.54 -1.91
N GLN B 409 11.46 7.46 -1.14
CA GLN B 409 11.92 7.47 0.26
C GLN B 409 13.42 7.69 0.35
N GLU B 410 14.12 7.34 -0.72
CA GLU B 410 15.56 7.58 -0.76
C GLU B 410 15.91 8.87 -1.52
N GLY B 411 14.91 9.74 -1.68
CA GLY B 411 15.12 11.12 -2.10
C GLY B 411 15.04 11.42 -3.60
N VAL B 412 14.57 10.45 -4.38
CA VAL B 412 14.34 10.65 -5.83
C VAL B 412 13.13 11.57 -6.03
N PRO B 413 13.29 12.69 -6.77
CA PRO B 413 12.15 13.61 -6.96
C PRO B 413 11.09 13.13 -7.96
N LEU B 414 10.49 11.96 -7.70
CA LEU B 414 9.42 11.42 -8.52
C LEU B 414 8.06 12.12 -8.31
N LYS B 415 7.55 12.75 -9.37
CA LYS B 415 6.36 13.61 -9.24
C LYS B 415 5.06 13.00 -9.73
N GLY B 416 5.13 11.81 -10.35
CA GLY B 416 3.97 11.23 -11.04
C GLY B 416 4.23 9.87 -11.65
N TYR B 417 3.15 9.15 -11.94
CA TYR B 417 3.21 7.78 -12.46
C TYR B 417 2.08 7.55 -13.44
N PHE B 418 2.45 7.08 -14.64
CA PHE B 418 1.46 6.87 -15.70
C PHE B 418 1.46 5.41 -16.09
N VAL B 419 0.27 4.80 -16.06
CA VAL B 419 0.13 3.41 -16.49
C VAL B 419 0.03 3.33 -18.02
N TRP B 420 0.84 2.47 -18.63
CA TRP B 420 0.60 2.12 -20.02
C TRP B 420 -0.19 0.81 -20.05
N SER B 421 -1.42 0.83 -20.57
CA SER B 421 -2.09 1.97 -21.17
C SER B 421 -3.56 2.03 -20.68
N LEU B 422 -4.23 3.16 -20.90
CA LEU B 422 -5.69 3.21 -20.70
C LEU B 422 -6.47 2.09 -21.42
N LEU B 423 -6.11 1.84 -22.69
CA LEU B 423 -6.84 0.91 -23.52
C LEU B 423 -5.88 -0.07 -24.16
N ASP B 424 -6.37 -1.30 -24.37
CA ASP B 424 -5.81 -2.19 -25.39
C ASP B 424 -5.74 -1.43 -26.71
N ASN B 425 -4.69 -1.67 -27.49
CA ASN B 425 -4.52 -0.86 -28.69
C ASN B 425 -3.60 -1.48 -29.74
N PHE B 426 -3.32 -0.73 -30.79
CA PHE B 426 -2.40 -1.19 -31.83
C PHE B 426 -0.97 -1.23 -31.27
N GLU B 427 -0.45 -2.42 -31.01
CA GLU B 427 0.86 -2.57 -30.40
C GLU B 427 1.97 -2.68 -31.47
N TRP B 428 2.04 -1.64 -32.30
CA TRP B 428 3.12 -1.51 -33.30
C TRP B 428 3.30 -2.75 -34.19
N ALA B 429 4.50 -3.32 -34.28
CA ALA B 429 4.72 -4.52 -35.13
C ALA B 429 3.96 -5.77 -34.66
N GLU B 430 3.44 -5.72 -33.43
CA GLU B 430 2.65 -6.85 -32.89
C GLU B 430 1.16 -6.73 -33.25
N GLY B 431 0.79 -5.59 -33.82
CA GLY B 431 -0.60 -5.28 -34.11
C GLY B 431 -1.47 -5.35 -32.87
N TYR B 432 -2.70 -5.85 -33.05
CA TYR B 432 -3.72 -5.94 -32.00
C TYR B 432 -3.59 -7.17 -31.11
N SER B 433 -2.56 -7.98 -31.36
CA SER B 433 -2.32 -9.24 -30.66
C SER B 433 -1.85 -9.12 -29.22
N LYS B 434 -1.53 -7.89 -28.79
CA LYS B 434 -0.97 -7.68 -27.47
C LYS B 434 -1.74 -6.59 -26.77
N ARG B 435 -2.23 -6.91 -25.58
CA ARG B 435 -3.22 -6.09 -24.89
C ARG B 435 -2.61 -5.49 -23.61
N PHE B 436 -2.44 -4.16 -23.58
CA PHE B 436 -1.74 -3.46 -22.47
C PHE B 436 -2.72 -2.70 -21.57
N GLY B 437 -3.99 -2.64 -21.97
CA GLY B 437 -4.95 -1.73 -21.34
C GLY B 437 -5.33 -2.10 -19.91
N ILE B 438 -5.79 -1.10 -19.16
CA ILE B 438 -6.50 -1.35 -17.90
C ILE B 438 -7.99 -1.40 -18.23
N VAL B 439 -8.29 -0.97 -19.47
CA VAL B 439 -9.58 -1.12 -20.10
C VAL B 439 -9.43 -2.04 -21.33
N TYR B 440 -10.24 -3.11 -21.37
CA TYR B 440 -10.31 -4.04 -22.49
C TYR B 440 -11.14 -3.44 -23.63
N VAL B 441 -10.70 -3.66 -24.88
CA VAL B 441 -11.42 -3.19 -26.05
C VAL B 441 -11.74 -4.39 -26.93
N ASP B 442 -13.04 -4.56 -27.20
CA ASP B 442 -13.53 -5.59 -28.06
C ASP B 442 -13.62 -4.93 -29.43
N TYR B 443 -12.75 -5.36 -30.34
CA TYR B 443 -12.58 -4.70 -31.64
C TYR B 443 -13.73 -4.88 -32.64
N SER B 444 -14.41 -6.02 -32.57
CA SER B 444 -15.61 -6.24 -33.40
C SER B 444 -16.74 -5.25 -33.12
N THR B 445 -16.92 -4.87 -31.85
CA THR B 445 -17.98 -3.90 -31.49
C THR B 445 -17.46 -2.58 -30.93
N GLN B 446 -16.17 -2.49 -30.66
CA GLN B 446 -15.54 -1.31 -30.03
C GLN B 446 -16.00 -1.08 -28.59
N LYS B 447 -16.45 -2.16 -27.95
CA LYS B 447 -16.96 -2.11 -26.58
C LYS B 447 -15.79 -1.98 -25.59
N ARG B 448 -15.92 -1.03 -24.67
CA ARG B 448 -14.96 -0.88 -23.59
C ARG B 448 -15.47 -1.67 -22.39
N ILE B 449 -14.62 -2.54 -21.85
CA ILE B 449 -14.88 -3.18 -20.57
C ILE B 449 -13.74 -2.87 -19.62
N VAL B 450 -13.98 -1.97 -18.65
CA VAL B 450 -12.97 -1.72 -17.61
C VAL B 450 -12.50 -3.06 -17.03
N LYS B 451 -11.18 -3.23 -16.88
CA LYS B 451 -10.62 -4.47 -16.34
C LYS B 451 -10.55 -4.34 -14.83
N ASP B 452 -10.22 -5.45 -14.15
CA ASP B 452 -10.05 -5.41 -12.68
C ASP B 452 -8.86 -4.55 -12.27
N SER B 453 -7.78 -4.58 -13.07
CA SER B 453 -6.67 -3.63 -12.92
C SER B 453 -7.20 -2.19 -12.92
N GLY B 454 -8.19 -1.92 -13.76
CA GLY B 454 -8.83 -0.61 -13.82
C GLY B 454 -9.43 -0.17 -12.50
N TYR B 455 -10.30 -1.01 -11.93
CA TYR B 455 -10.90 -0.73 -10.60
C TYR B 455 -9.87 -0.60 -9.50
N TRP B 456 -8.90 -1.53 -9.50
CA TRP B 456 -7.81 -1.54 -8.53
C TRP B 456 -6.98 -0.25 -8.58
N TYR B 457 -6.70 0.24 -9.79
CA TYR B 457 -5.87 1.41 -9.97
C TYR B 457 -6.67 2.64 -9.58
N SER B 458 -7.97 2.60 -9.89
CA SER B 458 -8.93 3.61 -9.45
C SER B 458 -8.84 3.80 -7.94
N ASN B 459 -8.69 2.68 -7.22
CA ASN B 459 -8.46 2.70 -5.77
C ASN B 459 -7.15 3.36 -5.37
N VAL B 460 -6.06 2.92 -6.03
CA VAL B 460 -4.68 3.41 -5.77
C VAL B 460 -4.67 4.92 -5.78
N VAL B 461 -5.29 5.50 -6.81
CA VAL B 461 -5.37 6.95 -6.98
C VAL B 461 -6.07 7.59 -5.81
N LYS B 462 -7.30 7.12 -5.56
CA LYS B 462 -8.14 7.49 -4.40
C LYS B 462 -7.37 7.50 -3.08
N ASN B 463 -6.60 6.43 -2.84
CA ASN B 463 -5.78 6.30 -1.63
C ASN B 463 -4.38 6.92 -1.67
N ASN B 464 -4.06 7.58 -2.80
CA ASN B 464 -2.70 8.09 -3.04
C ASN B 464 -1.63 7.05 -2.69
N GLY B 465 -1.85 5.81 -3.11
CA GLY B 465 -0.90 4.75 -2.83
C GLY B 465 -1.52 3.39 -2.63
N LEU B 466 -0.73 2.49 -2.05
CA LEU B 466 -1.10 1.10 -1.87
C LEU B 466 -1.63 0.83 -0.43
N GLU B 467 -2.73 0.07 -0.37
CA GLU B 467 -3.48 -0.24 0.87
C GLU B 467 -3.80 1.00 1.73
#